data_7V5N
#
_entry.id   7V5N
#
_cell.length_a   42.543
_cell.length_b   130.599
_cell.length_c   90.244
_cell.angle_alpha   90.00
_cell.angle_beta   103.59
_cell.angle_gamma   90.00
#
_symmetry.space_group_name_H-M   'P 1 21 1'
#
loop_
_entity.id
_entity.type
_entity.pdbx_description
1 polymer 'bevacizumab fab light chain'
2 polymer 'bevacizumab fab heavy chain'
3 polymer "DNA (5'-D(*GP*CP*GP*GP*TP*TP*GP*GP*TP*GP*GP*TP*AP*GP*TP*TP*AP*CP*GP*TP*TP*CP*GP*C)-3')"
4 non-polymer 1,2-ETHANEDIOL
5 non-polymer 'SULFATE ION'
6 non-polymer IMIDAZOLE
7 water water
#
loop_
_entity_poly.entity_id
_entity_poly.type
_entity_poly.pdbx_seq_one_letter_code
_entity_poly.pdbx_strand_id
1 'polypeptide(L)'
;DIQMTQSPSSLSASVGDRVTITCSASQDISNYLNWYQQKPGKAPKVLIYFTSSLHSGVPSRFSGSGSGTDFTLTISSLQP
EDFATYYCQQYSTVPWTFGQGTKVEIKRTVAAPSVFIFPPSDEQLKSGTASVVCLLNNFYPREAKVQWKVDNALQSGNSQ
ESVTEQDSKDSTYSLSSTLTLSKADYEKHKVYACEVTHQGLSSPVTKSFNRGEC
;
A,E
2 'polypeptide(L)'
;EVQLVESGGGLVQPGGSLRLSCAASGYTFTNYGMNWVRQAPGKGLEWVGWINTYTGEPTYAADFKRRFTFSLDTSKSTAY
LQMNSLRAEDTAVYYCAKYPHYYGSSHWYFDVWGQGTLVTVSSASTKGPSVFPLAPSSKSTSGGTAALGCLVKDYFPEPV
TVSWNSGALTSGVHTFPAVLQSSGLYSLSSVVTVPSSSLGTQTYICNVNHKPSNTKVDKKVEPKSCDKTHT
;
B,F
3 'polydeoxyribonucleotide'
;(DG)(DC)(DG)(DG)(DT)(DT)(DG)(DG)(DT)(DG)(DG)(DT)(DA)(DG)(DT)(DT)(DA)(DC)(DG)(DT)
(DT)(DC)(DG)(DC)
;
D,G
#
# COMPACT_ATOMS: atom_id res chain seq x y z
N ASP A 1 41.80 -0.41 21.43
CA ASP A 1 40.59 0.25 20.84
C ASP A 1 39.36 -0.46 21.36
N ILE A 2 38.24 0.26 21.46
CA ILE A 2 37.07 -0.36 22.03
C ILE A 2 36.07 -0.63 20.92
N GLN A 3 35.60 -1.88 20.83
CA GLN A 3 34.61 -2.25 19.83
C GLN A 3 33.22 -2.24 20.47
N MET A 4 32.28 -1.57 19.81
CA MET A 4 30.90 -1.49 20.29
C MET A 4 29.99 -2.36 19.41
N THR A 5 29.20 -3.23 20.04
CA THR A 5 28.28 -4.10 19.31
C THR A 5 26.84 -3.91 19.84
N GLN A 6 25.91 -3.63 18.92
CA GLN A 6 24.52 -3.42 19.31
C GLN A 6 23.72 -4.70 19.03
N SER A 7 22.64 -4.88 19.78
CA SER A 7 21.71 -5.99 19.58
C SER A 7 20.30 -5.46 19.80
N PRO A 8 19.34 -5.78 18.91
CA PRO A 8 19.60 -6.47 17.66
C PRO A 8 20.12 -5.49 16.60
N SER A 9 20.42 -5.98 15.40
CA SER A 9 20.89 -5.14 14.29
C SER A 9 19.69 -4.46 13.60
N SER A 10 18.51 -5.07 13.75
CA SER A 10 17.28 -4.48 13.21
C SER A 10 16.10 -5.05 13.99
N LEU A 11 14.98 -4.32 14.02
CA LEU A 11 13.79 -4.81 14.69
C LEU A 11 12.59 -4.11 14.08
N SER A 12 11.43 -4.75 14.21
CA SER A 12 10.19 -4.18 13.77
C SER A 12 9.22 -4.23 14.95
N ALA A 13 8.63 -3.10 15.30
CA ALA A 13 7.73 -3.03 16.46
C ALA A 13 6.56 -2.11 16.15
N SER A 14 5.41 -2.33 16.79
CA SER A 14 4.23 -1.49 16.52
C SER A 14 4.26 -0.20 17.34
N VAL A 15 3.58 0.83 16.83
CA VAL A 15 3.32 2.04 17.60
C VAL A 15 2.68 1.60 18.92
N GLY A 16 3.20 2.16 20.03
CA GLY A 16 2.71 1.82 21.37
C GLY A 16 3.56 0.74 22.06
N ASP A 17 4.38 0.00 21.29
CA ASP A 17 5.23 -1.05 21.85
C ASP A 17 6.42 -0.46 22.60
N ARG A 18 6.89 -1.20 23.61
CA ARG A 18 8.15 -0.90 24.29
C ARG A 18 9.29 -1.50 23.48
N VAL A 19 10.35 -0.73 23.22
CA VAL A 19 11.51 -1.20 22.46
C VAL A 19 12.77 -1.01 23.30
N THR A 20 13.62 -2.02 23.37
CA THR A 20 14.94 -1.86 23.95
C THR A 20 16.00 -2.25 22.94
N ILE A 21 17.09 -1.49 22.92
CA ILE A 21 18.26 -1.77 22.09
C ILE A 21 19.46 -1.82 23.03
N THR A 22 20.26 -2.89 22.91
CA THR A 22 21.41 -3.13 23.79
C THR A 22 22.69 -2.68 23.07
N CYS A 23 23.64 -2.16 23.83
CA CYS A 23 24.97 -1.79 23.34
C CYS A 23 25.99 -2.44 24.28
N SER A 24 26.87 -3.29 23.76
CA SER A 24 27.91 -3.93 24.55
C SER A 24 29.29 -3.41 24.11
N ALA A 25 30.16 -3.08 25.07
CA ALA A 25 31.49 -2.61 24.71
C ALA A 25 32.49 -3.73 24.99
N SER A 26 33.57 -3.78 24.21
CA SER A 26 34.56 -4.85 24.35
C SER A 26 35.42 -4.65 25.59
N GLN A 27 35.47 -3.41 26.11
CA GLN A 27 36.18 -3.13 27.36
C GLN A 27 35.30 -2.17 28.18
N ASP A 28 35.57 -2.06 29.47
CA ASP A 28 34.81 -1.16 30.35
C ASP A 28 34.92 0.29 29.90
N ILE A 29 33.79 0.97 29.64
CA ILE A 29 33.88 2.34 29.12
C ILE A 29 33.39 3.30 30.21
N SER A 30 33.36 2.77 31.44
CA SER A 30 32.79 3.47 32.56
C SER A 30 31.32 3.78 32.22
N ASN A 31 30.99 5.06 32.07
CA ASN A 31 29.65 5.50 31.73
C ASN A 31 29.70 6.50 30.57
N TYR A 32 30.80 6.48 29.82
CA TYR A 32 30.99 7.43 28.74
C TYR A 32 30.39 6.87 27.44
N LEU A 33 29.06 6.92 27.35
CA LEU A 33 28.31 6.27 26.25
C LEU A 33 27.19 7.23 25.83
N ASN A 34 27.11 7.50 24.52
CA ASN A 34 26.08 8.37 23.95
C ASN A 34 25.22 7.56 22.97
N TRP A 35 23.98 8.01 22.75
CA TRP A 35 23.04 7.43 21.78
C TRP A 35 22.63 8.49 20.75
N TYR A 36 22.66 8.11 19.47
CA TYR A 36 22.23 8.98 18.37
C TYR A 36 21.10 8.31 17.57
N GLN A 37 20.27 9.15 16.96
CA GLN A 37 19.24 8.71 16.03
C GLN A 37 19.58 9.27 14.65
N GLN A 38 19.54 8.44 13.60
CA GLN A 38 19.83 8.93 12.26
C GLN A 38 18.69 8.58 11.29
N LYS A 39 18.08 9.62 10.74
CA LYS A 39 17.05 9.52 9.71
C LYS A 39 17.71 9.45 8.33
N PRO A 40 17.05 8.83 7.33
CA PRO A 40 17.65 8.72 6.00
C PRO A 40 18.02 10.10 5.41
N GLY A 41 19.27 10.22 4.97
CA GLY A 41 19.73 11.44 4.28
C GLY A 41 20.09 12.58 5.23
N LYS A 42 20.05 12.34 6.55
CA LYS A 42 20.33 13.39 7.54
C LYS A 42 21.53 13.01 8.41
N ALA A 43 22.18 14.02 9.01
CA ALA A 43 23.19 13.77 10.01
C ALA A 43 22.52 13.12 11.23
N PRO A 44 23.30 12.33 12.00
CA PRO A 44 22.82 11.77 13.26
C PRO A 44 22.46 12.92 14.21
N LYS A 45 21.50 12.65 15.10
CA LYS A 45 21.05 13.60 16.10
C LYS A 45 21.23 12.96 17.48
N VAL A 46 21.89 13.66 18.42
CA VAL A 46 22.07 13.06 19.75
C VAL A 46 20.72 12.99 20.48
N LEU A 47 20.45 11.84 21.11
CA LEU A 47 19.27 11.65 21.96
C LEU A 47 19.67 11.70 23.44
N ILE A 48 20.66 10.89 23.79
CA ILE A 48 21.07 10.68 25.18
C ILE A 48 22.60 10.74 25.26
N TYR A 49 23.10 11.41 26.29
CA TYR A 49 24.56 11.45 26.44
C TYR A 49 24.94 11.00 27.86
N PHE A 50 26.19 10.59 28.02
CA PHE A 50 26.71 10.23 29.33
C PHE A 50 25.78 9.19 29.98
N THR A 51 25.44 8.15 29.21
CA THR A 51 24.61 6.99 29.60
C THR A 51 23.13 7.35 29.71
N SER A 52 22.79 8.37 30.50
CA SER A 52 21.39 8.50 30.94
C SER A 52 20.82 9.91 30.83
N SER A 53 21.59 10.90 30.37
CA SER A 53 21.10 12.28 30.26
C SER A 53 20.38 12.52 28.93
N LEU A 54 19.12 12.98 29.01
CA LEU A 54 18.38 13.33 27.79
C LEU A 54 18.82 14.70 27.29
N HIS A 55 19.05 14.81 25.99
CA HIS A 55 19.29 16.09 25.38
C HIS A 55 17.99 16.89 25.39
N SER A 56 18.11 18.21 25.54
CA SER A 56 16.97 19.12 25.47
C SER A 56 16.17 18.86 24.19
N GLY A 57 14.85 18.87 24.32
CA GLY A 57 13.99 18.72 23.16
C GLY A 57 13.74 17.26 22.78
N VAL A 58 14.41 16.31 23.43
CA VAL A 58 14.17 14.88 23.12
C VAL A 58 13.00 14.40 23.99
N PRO A 59 12.02 13.71 23.38
CA PRO A 59 10.83 13.30 24.15
C PRO A 59 11.18 12.32 25.27
N SER A 60 10.38 12.35 26.35
CA SER A 60 10.66 11.58 27.56
C SER A 60 10.48 10.08 27.33
N ARG A 61 9.90 9.66 26.20
CA ARG A 61 9.78 8.22 25.94
C ARG A 61 11.16 7.57 25.78
N PHE A 62 12.19 8.37 25.47
CA PHE A 62 13.55 7.83 25.32
C PHE A 62 14.29 7.88 26.66
N SER A 63 14.96 6.79 27.05
CA SER A 63 15.81 6.82 28.24
C SER A 63 17.01 5.92 28.01
N GLY A 64 18.06 6.15 28.79
CA GLY A 64 19.26 5.31 28.66
C GLY A 64 19.73 4.81 30.02
N SER A 65 20.34 3.62 30.03
CA SER A 65 20.85 3.06 31.27
C SER A 65 22.12 2.26 30.98
N GLY A 66 22.85 1.93 32.03
CA GLY A 66 23.92 0.94 31.89
C GLY A 66 25.17 1.36 32.66
N SER A 67 26.18 0.51 32.58
CA SER A 67 27.50 0.81 33.11
C SER A 67 28.45 -0.28 32.65
N GLY A 68 29.76 -0.03 32.79
CA GLY A 68 30.75 -1.06 32.47
C GLY A 68 30.75 -1.38 30.98
N THR A 69 30.23 -2.56 30.61
CA THR A 69 30.27 -2.97 29.22
C THR A 69 28.86 -3.13 28.66
N ASP A 70 27.83 -2.84 29.47
CA ASP A 70 26.45 -3.11 29.04
C ASP A 70 25.55 -1.90 29.21
N PHE A 71 24.92 -1.48 28.10
CA PHE A 71 24.07 -0.28 28.09
C PHE A 71 22.80 -0.58 27.32
N THR A 72 21.74 0.17 27.63
CA THR A 72 20.45 -0.04 26.97
C THR A 72 19.81 1.30 26.65
N LEU A 73 19.28 1.43 25.43
CA LEU A 73 18.37 2.51 25.07
C LEU A 73 16.95 1.94 25.10
N THR A 74 16.04 2.61 25.82
CA THR A 74 14.63 2.19 25.90
C THR A 74 13.74 3.26 25.26
N ILE A 75 12.81 2.84 24.39
CA ILE A 75 11.71 3.68 23.96
C ILE A 75 10.47 3.10 24.64
N SER A 76 9.86 3.85 25.56
CA SER A 76 8.82 3.26 26.42
C SER A 76 7.56 2.96 25.61
N SER A 77 7.28 3.82 24.64
CA SER A 77 6.10 3.67 23.80
C SER A 77 6.43 4.23 22.41
N LEU A 78 6.62 3.33 21.44
CA LEU A 78 7.09 3.69 20.10
C LEU A 78 6.06 4.57 19.39
N GLN A 79 6.56 5.62 18.72
CA GLN A 79 5.73 6.50 17.87
C GLN A 79 6.20 6.36 16.41
N PRO A 80 5.32 6.62 15.42
CA PRO A 80 5.69 6.29 14.03
C PRO A 80 6.87 7.11 13.52
N GLU A 81 7.09 8.29 14.09
CA GLU A 81 8.21 9.15 13.68
C GLU A 81 9.55 8.63 14.23
N ASP A 82 9.50 7.53 14.97
CA ASP A 82 10.72 6.95 15.56
C ASP A 82 11.49 6.01 14.64
N PHE A 83 10.99 5.74 13.43
CA PHE A 83 11.77 4.94 12.47
C PHE A 83 13.10 5.66 12.21
N ALA A 84 14.20 4.94 12.28
CA ALA A 84 15.55 5.51 12.19
C ALA A 84 16.57 4.38 12.35
N THR A 85 17.85 4.72 12.15
CA THR A 85 18.92 3.87 12.65
C THR A 85 19.48 4.52 13.92
N TYR A 86 19.63 3.73 14.98
CA TYR A 86 20.12 4.22 16.27
C TYR A 86 21.54 3.72 16.49
N TYR A 87 22.44 4.61 16.94
CA TYR A 87 23.83 4.24 17.17
C TYR A 87 24.25 4.57 18.60
N CYS A 88 24.98 3.67 19.24
CA CYS A 88 25.69 4.03 20.46
C CYS A 88 27.13 4.45 20.13
N GLN A 89 27.78 5.14 21.06
CA GLN A 89 29.11 5.69 20.80
C GLN A 89 29.85 5.88 22.12
N GLN A 90 31.06 5.32 22.24
CA GLN A 90 31.80 5.44 23.48
C GLN A 90 32.80 6.61 23.39
N TYR A 91 33.08 7.23 24.52
CA TYR A 91 34.15 8.23 24.55
C TYR A 91 35.05 8.02 25.78
N SER A 92 35.26 6.74 26.13
CA SER A 92 36.23 6.42 27.18
C SER A 92 37.67 6.59 26.68
N THR A 93 37.97 5.96 25.54
CA THR A 93 39.31 6.02 24.97
C THR A 93 39.25 6.40 23.50
N VAL A 94 40.26 7.19 23.09
CA VAL A 94 40.45 7.52 21.68
C VAL A 94 41.03 6.27 21.00
N PRO A 95 40.55 5.88 19.81
CA PRO A 95 39.57 6.63 19.03
C PRO A 95 38.12 6.43 19.49
N TRP A 96 37.31 7.49 19.41
CA TRP A 96 35.88 7.34 19.64
C TRP A 96 35.34 6.32 18.63
N THR A 97 34.44 5.42 19.09
CA THR A 97 33.90 4.36 18.24
C THR A 97 32.38 4.25 18.43
N PHE A 98 31.71 3.88 17.33
CA PHE A 98 30.27 3.73 17.28
C PHE A 98 29.91 2.25 17.18
N GLY A 99 28.73 1.88 17.70
CA GLY A 99 28.10 0.61 17.38
C GLY A 99 27.75 0.55 15.89
N GLN A 100 27.36 -0.63 15.39
CA GLN A 100 27.12 -0.84 13.97
C GLN A 100 25.76 -0.26 13.54
N GLY A 101 24.94 0.17 14.51
CA GLY A 101 23.61 0.67 14.23
C GLY A 101 22.52 -0.38 14.42
N THR A 102 21.35 0.08 14.83
CA THR A 102 20.15 -0.74 14.93
C THR A 102 19.04 -0.06 14.15
N LYS A 103 18.55 -0.72 13.09
CA LYS A 103 17.50 -0.14 12.25
C LYS A 103 16.15 -0.48 12.86
N VAL A 104 15.33 0.54 13.14
CA VAL A 104 14.01 0.35 13.73
C VAL A 104 12.96 0.59 12.66
N GLU A 105 12.17 -0.44 12.38
CA GLU A 105 11.06 -0.34 11.45
C GLU A 105 9.77 -0.35 12.25
N ILE A 106 8.78 0.42 11.80
CA ILE A 106 7.49 0.49 12.48
C ILE A 106 6.54 -0.50 11.81
N LYS A 107 6.08 -1.47 12.60
CA LYS A 107 5.13 -2.47 12.17
C LYS A 107 3.73 -1.83 12.16
N ARG A 108 2.92 -2.16 11.16
CA ARG A 108 1.55 -1.61 11.12
C ARG A 108 0.61 -2.63 10.46
N THR A 109 -0.69 -2.30 10.36
CA THR A 109 -1.63 -3.23 9.73
C THR A 109 -1.33 -3.38 8.23
N VAL A 110 -1.74 -4.51 7.67
CA VAL A 110 -1.50 -4.76 6.26
C VAL A 110 -2.25 -3.71 5.44
N ALA A 111 -1.56 -3.17 4.45
CA ALA A 111 -2.12 -2.20 3.52
C ALA A 111 -1.70 -2.57 2.10
N ALA A 112 -2.69 -2.78 1.22
CA ALA A 112 -2.42 -3.19 -0.14
C ALA A 112 -1.95 -1.96 -0.93
N PRO A 113 -1.00 -2.14 -1.86
CA PRO A 113 -0.55 -1.06 -2.73
C PRO A 113 -1.57 -0.68 -3.80
N SER A 114 -1.63 0.61 -4.10
CA SER A 114 -2.22 1.13 -5.33
C SER A 114 -1.16 1.03 -6.42
N VAL A 115 -1.54 0.54 -7.60
CA VAL A 115 -0.55 0.20 -8.63
C VAL A 115 -0.82 1.06 -9.87
N PHE A 116 0.22 1.79 -10.33
CA PHE A 116 0.10 2.70 -11.47
C PHE A 116 1.22 2.40 -12.48
N ILE A 117 1.00 2.72 -13.76
CA ILE A 117 2.01 2.46 -14.78
C ILE A 117 2.20 3.70 -15.66
N PHE A 118 3.43 3.90 -16.16
CA PHE A 118 3.78 5.04 -16.98
C PHE A 118 4.52 4.54 -18.22
N PRO A 119 3.97 4.81 -19.42
CA PRO A 119 4.65 4.50 -20.69
C PRO A 119 5.87 5.41 -20.84
N PRO A 120 6.83 5.03 -21.73
CA PRO A 120 7.95 5.92 -22.01
C PRO A 120 7.45 7.23 -22.62
N SER A 121 8.15 8.33 -22.32
CA SER A 121 7.81 9.63 -22.88
C SER A 121 8.27 9.69 -24.33
N ASP A 122 7.68 10.60 -25.10
CA ASP A 122 8.09 10.87 -26.47
C ASP A 122 9.56 11.31 -26.48
N GLU A 123 9.87 12.25 -25.59
CA GLU A 123 11.20 12.82 -25.42
C GLU A 123 12.25 11.71 -25.29
N GLN A 124 11.99 10.72 -24.43
CA GLN A 124 12.97 9.65 -24.19
C GLN A 124 13.14 8.78 -25.43
N LEU A 125 12.02 8.51 -26.11
CA LEU A 125 12.03 7.68 -27.32
C LEU A 125 12.98 8.27 -28.36
N LYS A 126 12.92 9.59 -28.57
CA LYS A 126 13.76 10.26 -29.57
C LYS A 126 15.24 10.06 -29.24
N SER A 127 15.56 9.81 -27.97
CA SER A 127 16.94 9.61 -27.54
C SER A 127 17.39 8.17 -27.80
N GLY A 128 16.44 7.26 -27.98
CA GLY A 128 16.74 5.90 -28.45
C GLY A 128 16.63 4.84 -27.35
N THR A 129 16.07 5.20 -26.20
CA THR A 129 15.82 4.23 -25.12
C THR A 129 14.37 4.34 -24.67
N ALA A 130 13.86 3.30 -23.98
CA ALA A 130 12.52 3.37 -23.44
C ALA A 130 12.49 2.84 -22.00
N SER A 131 12.01 3.68 -21.09
CA SER A 131 11.82 3.26 -19.69
C SER A 131 10.33 3.18 -19.36
N VAL A 132 9.91 2.06 -18.78
CA VAL A 132 8.53 1.90 -18.32
C VAL A 132 8.56 1.87 -16.80
N VAL A 133 7.70 2.67 -16.16
CA VAL A 133 7.72 2.74 -14.70
C VAL A 133 6.41 2.18 -14.13
N CYS A 134 6.55 1.25 -13.17
CA CYS A 134 5.47 0.75 -12.36
C CYS A 134 5.60 1.35 -10.95
N LEU A 135 4.53 2.00 -10.46
CA LEU A 135 4.51 2.62 -9.12
C LEU A 135 3.54 1.87 -8.21
N LEU A 136 4.04 1.42 -7.05
CA LEU A 136 3.19 0.86 -5.99
C LEU A 136 3.15 1.89 -4.86
N ASN A 137 1.95 2.36 -4.50
CA ASN A 137 1.84 3.46 -3.54
C ASN A 137 1.20 3.01 -2.23
N ASN A 138 1.83 3.38 -1.11
CA ASN A 138 1.24 3.37 0.24
C ASN A 138 0.84 1.96 0.71
N PHE A 139 1.85 1.10 0.87
CA PHE A 139 1.58 -0.29 1.25
C PHE A 139 2.44 -0.72 2.46
N TYR A 140 2.02 -1.81 3.10
CA TYR A 140 2.76 -2.45 4.17
C TYR A 140 2.33 -3.93 4.22
N PRO A 141 3.24 -4.91 4.41
CA PRO A 141 4.67 -4.73 4.67
C PRO A 141 5.49 -4.37 3.43
N ARG A 142 6.81 -4.23 3.61
CA ARG A 142 7.73 -3.74 2.58
C ARG A 142 7.80 -4.74 1.43
N GLU A 143 7.59 -6.02 1.73
CA GLU A 143 7.78 -7.11 0.77
C GLU A 143 6.63 -7.11 -0.24
N ALA A 144 6.92 -6.65 -1.45
CA ALA A 144 6.00 -6.78 -2.57
C ALA A 144 6.75 -7.41 -3.74
N LYS A 145 6.06 -8.24 -4.52
CA LYS A 145 6.67 -8.86 -5.69
C LYS A 145 6.32 -8.04 -6.93
N VAL A 146 7.33 -7.61 -7.69
CA VAL A 146 7.09 -7.01 -9.01
C VAL A 146 7.87 -7.79 -10.07
N GLN A 147 7.15 -8.17 -11.12
CA GLN A 147 7.73 -8.85 -12.28
C GLN A 147 7.17 -8.23 -13.56
N TRP A 148 8.03 -8.07 -14.57
CA TRP A 148 7.64 -7.47 -15.83
C TRP A 148 7.44 -8.56 -16.88
N LYS A 149 6.40 -8.38 -17.70
CA LYS A 149 6.14 -9.23 -18.85
C LYS A 149 5.92 -8.36 -20.08
N VAL A 150 6.59 -8.72 -21.18
CA VAL A 150 6.45 -8.01 -22.45
C VAL A 150 5.91 -8.99 -23.48
N ASP A 151 4.70 -8.69 -23.98
CA ASP A 151 3.92 -9.61 -24.80
C ASP A 151 3.89 -11.01 -24.17
N ASN A 152 3.69 -11.03 -22.86
CA ASN A 152 3.52 -12.25 -22.04
C ASN A 152 4.86 -12.91 -21.73
N ALA A 153 5.97 -12.37 -22.26
CA ALA A 153 7.29 -12.92 -21.95
C ALA A 153 7.86 -12.23 -20.71
N LEU A 154 8.23 -13.03 -19.71
CA LEU A 154 8.77 -12.54 -18.45
C LEU A 154 10.18 -11.98 -18.67
N GLN A 155 10.37 -10.73 -18.26
CA GLN A 155 11.63 -10.03 -18.41
C GLN A 155 12.59 -10.46 -17.31
N SER A 156 13.89 -10.37 -17.58
CA SER A 156 14.91 -10.70 -16.59
C SER A 156 16.18 -9.87 -16.83
N GLY A 157 16.71 -9.31 -15.75
CA GLY A 157 17.99 -8.59 -15.78
C GLY A 157 17.92 -7.24 -16.46
N ASN A 158 16.71 -6.69 -16.63
CA ASN A 158 16.54 -5.40 -17.30
C ASN A 158 15.57 -4.50 -16.54
N SER A 159 15.39 -4.76 -15.24
CA SER A 159 14.56 -3.89 -14.41
C SER A 159 15.22 -3.67 -13.05
N GLN A 160 14.88 -2.55 -12.39
CA GLN A 160 15.39 -2.28 -11.05
C GLN A 160 14.30 -1.62 -10.21
N GLU A 161 14.34 -1.88 -8.90
CA GLU A 161 13.34 -1.38 -7.97
C GLU A 161 13.99 -0.41 -7.00
N SER A 162 13.17 0.53 -6.50
CA SER A 162 13.58 1.41 -5.41
C SER A 162 12.40 1.57 -4.45
N VAL A 163 12.70 1.67 -3.15
CA VAL A 163 11.67 1.78 -2.13
C VAL A 163 11.93 3.01 -1.26
N THR A 164 10.86 3.73 -0.92
CA THR A 164 10.97 4.89 -0.04
C THR A 164 11.23 4.45 1.40
N GLU A 165 11.64 5.41 2.24
CA GLU A 165 11.59 5.26 3.70
C GLU A 165 10.11 5.22 4.14
N GLN A 166 9.84 4.79 5.38
CA GLN A 166 8.46 4.75 5.85
C GLN A 166 7.91 6.17 6.01
N ASP A 167 6.60 6.29 5.77
CA ASP A 167 5.86 7.50 6.08
C ASP A 167 5.92 7.76 7.58
N SER A 168 6.10 9.03 7.94
CA SER A 168 6.32 9.43 9.33
C SER A 168 5.04 9.32 10.17
N LYS A 169 3.86 9.35 9.52
CA LYS A 169 2.61 9.35 10.25
C LYS A 169 1.97 7.95 10.21
N ASP A 170 2.05 7.29 9.07
CA ASP A 170 1.24 6.09 8.87
C ASP A 170 2.05 4.87 8.48
N SER A 171 3.38 5.01 8.35
CA SER A 171 4.32 3.89 8.29
C SER A 171 4.21 3.08 7.00
N THR A 172 3.64 3.65 5.94
CA THR A 172 3.55 2.97 4.66
C THR A 172 4.82 3.20 3.83
N TYR A 173 5.03 2.31 2.86
CA TYR A 173 6.10 2.40 1.88
C TYR A 173 5.50 2.70 0.51
N SER A 174 6.33 3.22 -0.40
CA SER A 174 6.03 3.23 -1.83
C SER A 174 7.21 2.65 -2.59
N LEU A 175 6.95 2.11 -3.78
CA LEU A 175 8.00 1.39 -4.51
C LEU A 175 7.86 1.70 -6.00
N SER A 176 8.99 1.89 -6.67
CA SER A 176 8.99 2.02 -8.13
C SER A 176 9.77 0.86 -8.74
N SER A 177 9.28 0.36 -9.85
CA SER A 177 10.03 -0.60 -10.66
C SER A 177 10.18 -0.04 -12.07
N THR A 178 11.41 -0.06 -12.59
CA THR A 178 11.70 0.55 -13.89
C THR A 178 12.27 -0.50 -14.85
N LEU A 179 11.59 -0.68 -15.99
CA LEU A 179 12.04 -1.58 -17.04
C LEU A 179 12.65 -0.74 -18.17
N THR A 180 13.84 -1.11 -18.61
CA THR A 180 14.56 -0.35 -19.62
C THR A 180 14.85 -1.23 -20.84
N LEU A 181 14.37 -0.77 -21.99
CA LEU A 181 14.59 -1.43 -23.27
C LEU A 181 15.18 -0.41 -24.24
N SER A 182 15.81 -0.90 -25.30
CA SER A 182 16.18 -0.05 -26.44
C SER A 182 14.91 0.39 -27.16
N LYS A 183 14.98 1.53 -27.86
CA LYS A 183 13.87 1.95 -28.72
C LYS A 183 13.56 0.82 -29.70
N ALA A 184 14.61 0.21 -30.24
CA ALA A 184 14.51 -0.92 -31.17
C ALA A 184 13.57 -1.99 -30.61
N ASP A 185 13.89 -2.48 -29.40
CA ASP A 185 13.09 -3.51 -28.74
C ASP A 185 11.67 -3.04 -28.40
N TYR A 186 11.55 -1.80 -27.92
CA TYR A 186 10.27 -1.26 -27.50
C TYR A 186 9.30 -1.20 -28.69
N GLU A 187 9.80 -0.78 -29.85
CA GLU A 187 8.96 -0.58 -31.03
C GLU A 187 8.42 -1.92 -31.53
N LYS A 188 9.07 -3.02 -31.12
CA LYS A 188 8.83 -4.33 -31.70
C LYS A 188 7.99 -5.20 -30.76
N HIS A 189 7.20 -4.57 -29.87
CA HIS A 189 6.32 -5.29 -28.95
C HIS A 189 5.07 -4.45 -28.65
N LYS A 190 4.01 -5.11 -28.17
CA LYS A 190 2.72 -4.43 -28.02
C LYS A 190 2.31 -4.32 -26.55
N VAL A 191 2.56 -5.36 -25.76
CA VAL A 191 1.95 -5.49 -24.42
C VAL A 191 3.04 -5.39 -23.34
N TYR A 192 2.88 -4.44 -22.43
CA TYR A 192 3.82 -4.21 -21.34
C TYR A 192 3.09 -4.30 -20.00
N ALA A 193 3.49 -5.25 -19.15
CA ALA A 193 2.79 -5.49 -17.88
C ALA A 193 3.78 -5.54 -16.71
N CYS A 194 3.39 -4.97 -15.56
CA CYS A 194 4.02 -5.28 -14.28
C CYS A 194 3.07 -6.13 -13.43
N GLU A 195 3.60 -7.23 -12.88
CA GLU A 195 2.86 -8.18 -12.06
C GLU A 195 3.24 -7.97 -10.60
N VAL A 196 2.26 -7.61 -9.76
CA VAL A 196 2.50 -7.26 -8.35
C VAL A 196 1.85 -8.30 -7.43
N THR A 197 2.64 -8.88 -6.51
CA THR A 197 2.08 -9.69 -5.43
C THR A 197 2.44 -9.11 -4.07
N HIS A 198 1.49 -9.16 -3.14
CA HIS A 198 1.64 -8.54 -1.83
C HIS A 198 0.66 -9.18 -0.85
N GLN A 199 1.00 -9.18 0.43
CA GLN A 199 0.19 -9.80 1.48
C GLN A 199 -1.22 -9.19 1.50
N GLY A 200 -1.37 -7.95 1.07
CA GLY A 200 -2.65 -7.24 1.16
C GLY A 200 -3.56 -7.46 -0.04
N LEU A 201 -3.10 -8.26 -1.00
CA LEU A 201 -3.80 -8.44 -2.27
C LEU A 201 -4.48 -9.81 -2.30
N SER A 202 -5.71 -9.86 -2.83
CA SER A 202 -6.46 -11.11 -3.00
C SER A 202 -5.63 -12.14 -3.78
N SER A 203 -5.05 -11.69 -4.89
CA SER A 203 -4.13 -12.48 -5.73
C SER A 203 -3.30 -11.50 -6.58
N PRO A 204 -2.27 -11.98 -7.31
CA PRO A 204 -1.44 -11.08 -8.13
C PRO A 204 -2.25 -10.06 -8.92
N VAL A 205 -1.81 -8.80 -8.88
CA VAL A 205 -2.44 -7.72 -9.64
C VAL A 205 -1.53 -7.37 -10.82
N THR A 206 -2.13 -7.25 -12.00
CA THR A 206 -1.40 -6.90 -13.21
C THR A 206 -1.80 -5.50 -13.66
N LYS A 207 -0.79 -4.70 -13.99
CA LYS A 207 -1.01 -3.41 -14.62
C LYS A 207 -0.22 -3.40 -15.93
N SER A 208 -0.91 -3.07 -17.02
CA SER A 208 -0.38 -3.25 -18.37
C SER A 208 -0.92 -2.18 -19.31
N PHE A 209 -0.25 -1.97 -20.45
CA PHE A 209 -0.71 -1.04 -21.48
C PHE A 209 -0.28 -1.53 -22.87
N ASN A 210 -0.87 -0.92 -23.91
CA ASN A 210 -0.56 -1.20 -25.31
C ASN A 210 0.14 0.01 -25.92
N ARG A 211 1.30 -0.23 -26.54
CA ARG A 211 2.08 0.82 -27.18
C ARG A 211 1.19 1.56 -28.20
N GLY A 212 1.19 2.89 -28.11
CA GLY A 212 0.41 3.74 -29.01
C GLY A 212 -1.08 3.49 -28.88
N GLU B 1 22.50 31.84 15.67
CA GLU B 1 22.25 30.36 15.58
C GLU B 1 23.55 29.66 15.17
N VAL B 2 23.84 28.52 15.82
CA VAL B 2 25.06 27.75 15.54
C VAL B 2 24.84 26.92 14.27
N GLN B 3 25.73 27.08 13.30
CA GLN B 3 25.65 26.29 12.07
C GLN B 3 27.05 25.86 11.65
N LEU B 4 27.10 24.65 11.09
CA LEU B 4 28.27 24.11 10.40
C LEU B 4 27.86 23.82 8.95
N VAL B 5 28.54 24.47 8.01
CA VAL B 5 28.22 24.29 6.60
C VAL B 5 29.44 23.72 5.86
N GLU B 6 29.28 22.54 5.30
CA GLU B 6 30.38 21.90 4.59
C GLU B 6 30.29 22.16 3.10
N SER B 7 31.46 22.10 2.48
CA SER B 7 31.57 22.25 1.04
C SER B 7 32.82 21.50 0.59
N GLY B 8 32.95 21.29 -0.73
CA GLY B 8 34.22 20.83 -1.32
C GLY B 8 34.23 19.34 -1.64
N GLY B 9 33.09 18.65 -1.44
CA GLY B 9 32.97 17.23 -1.78
C GLY B 9 32.73 17.03 -3.27
N GLY B 10 32.41 15.81 -3.68
CA GLY B 10 32.11 15.54 -5.09
C GLY B 10 32.99 14.43 -5.64
N LEU B 11 33.13 14.39 -6.97
CA LEU B 11 33.84 13.32 -7.64
C LEU B 11 35.35 13.62 -7.68
N VAL B 12 36.15 12.60 -7.37
CA VAL B 12 37.62 12.68 -7.45
C VAL B 12 38.13 11.32 -7.93
N GLN B 13 39.20 11.32 -8.73
CA GLN B 13 39.74 10.06 -9.22
C GLN B 13 40.56 9.40 -8.12
N PRO B 14 40.76 8.07 -8.22
CA PRO B 14 41.73 7.35 -7.36
C PRO B 14 43.10 8.01 -7.49
N GLY B 15 43.77 8.21 -6.36
CA GLY B 15 45.06 8.92 -6.34
C GLY B 15 44.88 10.43 -6.29
N GLY B 16 43.64 10.91 -6.39
CA GLY B 16 43.37 12.34 -6.31
C GLY B 16 43.30 12.86 -4.88
N SER B 17 43.13 14.18 -4.76
CA SER B 17 43.10 14.88 -3.48
C SER B 17 41.86 15.77 -3.43
N LEU B 18 41.29 15.94 -2.24
CA LEU B 18 40.21 16.90 -2.06
C LEU B 18 40.46 17.68 -0.77
N ARG B 19 40.00 18.93 -0.70
CA ARG B 19 39.95 19.64 0.57
C ARG B 19 38.49 19.96 0.90
N LEU B 20 38.00 19.39 2.00
CA LEU B 20 36.66 19.71 2.46
C LEU B 20 36.74 20.92 3.37
N SER B 21 35.72 21.78 3.31
CA SER B 21 35.63 22.93 4.19
C SER B 21 34.44 22.73 5.13
N CYS B 22 34.61 23.16 6.38
CA CYS B 22 33.52 23.20 7.36
C CYS B 22 33.46 24.63 7.92
N ALA B 23 32.50 25.43 7.43
CA ALA B 23 32.42 26.85 7.79
C ALA B 23 31.45 26.98 8.97
N ALA B 24 31.97 27.50 10.08
CA ALA B 24 31.23 27.57 11.34
C ALA B 24 30.74 29.00 11.55
N SER B 25 29.62 29.13 12.25
CA SER B 25 29.14 30.45 12.63
C SER B 25 28.28 30.33 13.89
N GLY B 26 28.16 31.45 14.60
CA GLY B 26 27.23 31.56 15.69
C GLY B 26 27.84 31.19 17.03
N TYR B 27 29.17 31.03 17.11
CA TYR B 27 29.83 30.70 18.38
C TYR B 27 31.30 31.12 18.35
N THR B 28 31.97 31.10 19.51
CA THR B 28 33.40 31.40 19.57
C THR B 28 34.17 30.21 19.02
N PHE B 29 34.68 30.36 17.78
CA PHE B 29 35.24 29.25 17.02
C PHE B 29 36.33 28.52 17.80
N THR B 30 37.25 29.27 18.44
CA THR B 30 38.44 28.64 19.04
C THR B 30 38.15 28.08 20.43
N ASN B 31 36.87 28.04 20.85
CA ASN B 31 36.53 27.46 22.14
C ASN B 31 36.12 25.99 22.00
N TYR B 32 35.99 25.47 20.79
CA TYR B 32 35.49 24.10 20.57
C TYR B 32 36.37 23.37 19.57
N GLY B 33 36.65 22.09 19.82
CA GLY B 33 37.35 21.30 18.81
C GLY B 33 36.50 21.15 17.56
N MET B 34 37.11 20.77 16.43
CA MET B 34 36.26 20.33 15.34
C MET B 34 36.54 18.86 15.10
N ASN B 35 35.46 18.07 15.04
CA ASN B 35 35.57 16.63 14.79
C ASN B 35 35.14 16.33 13.35
N TRP B 36 35.68 15.23 12.80
CA TRP B 36 35.31 14.73 11.50
C TRP B 36 34.88 13.27 11.62
N VAL B 37 33.75 12.95 10.98
CA VAL B 37 33.12 11.62 11.01
C VAL B 37 32.70 11.27 9.58
N ARG B 38 32.92 10.03 9.16
CA ARG B 38 32.49 9.64 7.81
C ARG B 38 31.56 8.43 7.87
N GLN B 39 30.79 8.26 6.79
CA GLN B 39 29.79 7.20 6.69
C GLN B 39 29.72 6.73 5.24
N ALA B 40 30.25 5.53 4.98
CA ALA B 40 30.16 4.96 3.64
C ALA B 40 28.69 4.66 3.31
N PRO B 41 28.31 4.65 2.02
CA PRO B 41 26.90 4.42 1.65
C PRO B 41 26.37 3.10 2.24
N GLY B 42 25.25 3.19 2.96
CA GLY B 42 24.61 2.02 3.57
C GLY B 42 25.36 1.47 4.77
N LYS B 43 26.37 2.17 5.27
CA LYS B 43 27.19 1.65 6.35
C LYS B 43 27.11 2.55 7.59
N GLY B 44 27.93 2.23 8.59
CA GLY B 44 27.87 2.91 9.89
C GLY B 44 28.80 4.12 9.95
N LEU B 45 29.02 4.61 11.18
CA LEU B 45 29.74 5.86 11.39
C LEU B 45 31.16 5.57 11.86
N GLU B 46 32.12 6.33 11.33
CA GLU B 46 33.52 6.17 11.64
C GLU B 46 34.12 7.54 11.99
N TRP B 47 34.69 7.66 13.19
CA TRP B 47 35.34 8.90 13.60
C TRP B 47 36.73 8.98 12.96
N VAL B 48 36.98 10.06 12.24
CA VAL B 48 38.26 10.24 11.51
C VAL B 48 39.30 10.88 12.44
N GLY B 49 38.85 11.79 13.30
CA GLY B 49 39.71 12.43 14.29
C GLY B 49 39.19 13.83 14.63
N TRP B 50 40.02 14.63 15.29
CA TRP B 50 39.60 15.99 15.65
C TRP B 50 40.81 16.92 15.72
N ILE B 51 40.52 18.22 15.85
CA ILE B 51 41.58 19.20 15.98
C ILE B 51 41.17 20.23 17.04
N ASN B 52 42.10 20.52 17.96
CA ASN B 52 41.97 21.61 18.94
C ASN B 52 42.08 22.92 18.16
N THR B 53 41.04 23.77 18.19
CA THR B 53 41.02 24.93 17.30
C THR B 53 41.86 26.09 17.81
N TYR B 54 42.29 26.06 19.09
CA TYR B 54 43.20 27.09 19.60
C TYR B 54 44.66 26.70 19.33
N THR B 55 45.03 25.48 19.73
CA THR B 55 46.42 25.03 19.64
C THR B 55 46.75 24.58 18.21
N GLY B 56 45.72 24.18 17.45
CA GLY B 56 45.84 23.65 16.11
C GLY B 56 46.36 22.22 16.08
N GLU B 57 46.45 21.54 17.23
CA GLU B 57 47.01 20.18 17.26
C GLU B 57 45.94 19.19 16.78
N PRO B 58 46.26 18.36 15.77
CA PRO B 58 45.36 17.30 15.31
C PRO B 58 45.55 15.99 16.07
N THR B 59 44.47 15.20 16.15
CA THR B 59 44.47 13.82 16.64
C THR B 59 43.72 12.94 15.62
N TYR B 60 44.40 11.95 15.05
CA TYR B 60 43.83 11.11 14.01
C TYR B 60 43.54 9.71 14.56
N ALA B 61 42.40 9.13 14.16
CA ALA B 61 42.21 7.70 14.27
C ALA B 61 43.23 6.99 13.37
N ALA B 62 43.71 5.82 13.82
CA ALA B 62 44.97 5.23 13.32
C ALA B 62 44.99 5.13 11.79
N ASP B 63 43.87 4.73 11.19
CA ASP B 63 43.81 4.51 9.75
C ASP B 63 43.94 5.78 8.89
N PHE B 64 44.02 6.97 9.50
CA PHE B 64 43.81 8.21 8.73
C PHE B 64 45.04 9.11 8.72
N LYS B 65 45.97 8.91 9.65
CA LYS B 65 47.12 9.79 9.85
C LYS B 65 47.93 9.94 8.56
N ARG B 66 48.05 8.87 7.78
CA ARG B 66 48.96 8.84 6.62
C ARG B 66 48.45 9.74 5.48
N ARG B 67 47.14 9.78 5.24
CA ARG B 67 46.61 10.38 4.01
C ARG B 67 45.72 11.60 4.28
N PHE B 68 45.30 11.81 5.52
CA PHE B 68 44.36 12.88 5.84
C PHE B 68 45.05 13.95 6.72
N THR B 69 44.74 15.23 6.49
CA THR B 69 45.30 16.33 7.28
C THR B 69 44.21 17.32 7.70
N PHE B 70 44.12 17.59 9.01
CA PHE B 70 43.21 18.63 9.51
C PHE B 70 43.92 19.99 9.53
N SER B 71 43.26 21.02 9.02
CA SER B 71 43.80 22.37 9.21
C SER B 71 42.66 23.33 9.52
N LEU B 72 42.99 24.62 9.65
CA LEU B 72 42.06 25.65 10.12
C LEU B 72 42.36 26.97 9.39
N ASP B 73 41.35 27.84 9.38
CA ASP B 73 41.60 29.27 9.26
C ASP B 73 40.68 29.93 10.28
N THR B 74 41.25 30.24 11.45
CA THR B 74 40.45 30.70 12.59
C THR B 74 39.88 32.09 12.28
N SER B 75 40.56 32.85 11.42
CA SER B 75 40.10 34.17 11.02
C SER B 75 38.78 34.07 10.25
N LYS B 76 38.54 32.94 9.59
CA LYS B 76 37.32 32.72 8.83
C LYS B 76 36.44 31.67 9.50
N SER B 77 36.74 31.33 10.76
CA SER B 77 35.99 30.31 11.52
C SER B 77 35.74 29.08 10.64
N THR B 78 36.78 28.62 9.95
CA THR B 78 36.65 27.47 9.05
C THR B 78 37.64 26.38 9.45
N ALA B 79 37.17 25.13 9.38
CA ALA B 79 38.00 23.94 9.54
C ALA B 79 38.11 23.20 8.20
N TYR B 80 39.28 22.63 7.91
CA TYR B 80 39.47 21.94 6.64
C TYR B 80 39.90 20.48 6.88
N LEU B 81 39.49 19.61 5.97
CA LEU B 81 39.97 18.23 5.91
C LEU B 81 40.54 17.98 4.51
N GLN B 82 41.87 17.91 4.44
CA GLN B 82 42.60 17.59 3.22
C GLN B 82 42.76 16.07 3.15
N MET B 83 42.35 15.45 2.04
CA MET B 83 42.47 14.00 1.90
C MET B 83 43.24 13.69 0.61
N ASN B 84 44.34 12.94 0.75
CA ASN B 84 45.22 12.64 -0.40
C ASN B 84 45.21 11.14 -0.72
N SER B 85 45.72 10.81 -1.92
CA SER B 85 45.91 9.43 -2.36
C SER B 85 44.61 8.63 -2.19
N LEU B 86 43.51 9.21 -2.67
CA LEU B 86 42.20 8.69 -2.33
C LEU B 86 41.94 7.35 -3.04
N ARG B 87 41.17 6.50 -2.36
CA ARG B 87 40.86 5.16 -2.83
C ARG B 87 39.35 4.98 -2.89
N ALA B 88 38.90 3.95 -3.60
CA ALA B 88 37.48 3.70 -3.78
C ALA B 88 36.80 3.56 -2.42
N GLU B 89 37.53 3.00 -1.44
CA GLU B 89 36.96 2.72 -0.14
C GLU B 89 36.84 4.01 0.69
N ASP B 90 37.32 5.13 0.14
CA ASP B 90 37.16 6.41 0.82
C ASP B 90 35.82 7.07 0.45
N THR B 91 35.07 6.42 -0.44
CA THR B 91 33.77 6.94 -0.83
C THR B 91 32.85 6.96 0.39
N ALA B 92 32.31 8.13 0.73
CA ALA B 92 31.53 8.28 1.98
C ALA B 92 30.96 9.69 2.05
N VAL B 93 29.97 9.85 2.93
CA VAL B 93 29.55 11.17 3.38
C VAL B 93 30.49 11.58 4.52
N TYR B 94 31.09 12.77 4.41
CA TYR B 94 31.99 13.29 5.44
C TYR B 94 31.26 14.41 6.19
N TYR B 95 31.23 14.28 7.53
CA TYR B 95 30.62 15.29 8.39
C TYR B 95 31.67 15.97 9.26
N CYS B 96 31.49 17.26 9.53
CA CYS B 96 32.16 17.86 10.69
C CYS B 96 31.13 17.93 11.83
N ALA B 97 31.62 17.91 13.07
CA ALA B 97 30.74 17.92 14.25
C ALA B 97 31.44 18.58 15.44
N LYS B 98 30.63 19.26 16.27
CA LYS B 98 31.15 20.00 17.40
C LYS B 98 30.47 19.50 18.70
N TYR B 99 31.22 19.56 19.80
CA TYR B 99 30.71 19.38 21.16
C TYR B 99 29.67 20.45 21.48
N PRO B 100 28.82 20.19 22.52
CA PRO B 100 27.81 21.16 22.96
C PRO B 100 28.43 22.43 23.54
N HIS B 101 27.62 23.49 23.67
CA HIS B 101 28.10 24.76 24.20
C HIS B 101 28.80 24.56 25.54
N TYR B 102 28.15 23.83 26.46
CA TYR B 102 28.81 23.37 27.68
C TYR B 102 29.23 21.91 27.50
N TYR B 103 30.55 21.66 27.47
CA TYR B 103 31.09 20.31 27.34
C TYR B 103 31.92 19.93 28.58
N GLY B 104 31.92 20.77 29.63
CA GLY B 104 32.71 20.47 30.83
C GLY B 104 32.24 19.20 31.55
N SER B 105 33.10 18.70 32.44
CA SER B 105 32.77 17.58 33.30
C SER B 105 32.34 16.38 32.45
N SER B 106 33.04 16.17 31.33
CA SER B 106 32.87 14.98 30.47
C SER B 106 31.52 14.99 29.73
N HIS B 107 30.93 16.17 29.50
CA HIS B 107 29.72 16.27 28.68
C HIS B 107 30.14 16.29 27.21
N TRP B 108 30.66 15.15 26.73
CA TRP B 108 31.28 15.10 25.41
C TRP B 108 30.40 14.26 24.48
N TYR B 109 29.81 14.93 23.49
CA TYR B 109 28.98 14.26 22.48
C TYR B 109 28.93 15.15 21.25
N PHE B 110 28.51 14.59 20.12
CA PHE B 110 28.43 15.36 18.88
C PHE B 110 27.08 16.08 18.85
N ASP B 111 27.12 17.34 19.26
CA ASP B 111 25.90 18.13 19.46
C ASP B 111 25.38 18.76 18.17
N VAL B 112 26.26 19.42 17.43
CA VAL B 112 25.87 20.04 16.16
C VAL B 112 26.72 19.42 15.05
N TRP B 113 26.08 19.06 13.93
CA TRP B 113 26.72 18.42 12.80
C TRP B 113 26.57 19.30 11.56
N GLY B 114 27.57 19.25 10.67
CA GLY B 114 27.37 19.75 9.33
C GLY B 114 26.32 18.94 8.57
N GLN B 115 25.93 19.40 7.38
CA GLN B 115 24.91 18.70 6.61
C GLN B 115 25.48 17.44 5.94
N GLY B 116 26.81 17.32 5.88
CA GLY B 116 27.47 16.21 5.19
C GLY B 116 27.81 16.59 3.74
N THR B 117 28.93 16.08 3.26
CA THR B 117 29.28 16.22 1.85
C THR B 117 29.71 14.84 1.32
N LEU B 118 29.13 14.40 0.20
CA LEU B 118 29.47 13.10 -0.38
C LEU B 118 30.74 13.19 -1.23
N VAL B 119 31.73 12.36 -0.89
CA VAL B 119 32.94 12.22 -1.69
C VAL B 119 32.83 10.90 -2.45
N THR B 120 32.89 10.95 -3.78
CA THR B 120 32.84 9.74 -4.59
C THR B 120 34.20 9.54 -5.26
N VAL B 121 34.84 8.40 -5.01
CA VAL B 121 36.15 8.19 -5.60
C VAL B 121 36.00 7.20 -6.75
N SER B 122 36.25 7.67 -7.98
CA SER B 122 35.95 6.91 -9.18
C SER B 122 36.69 7.56 -10.36
N SER B 123 37.11 6.78 -11.35
CA SER B 123 37.73 7.41 -12.51
C SER B 123 36.68 7.69 -13.60
N ALA B 124 35.41 7.37 -13.32
CA ALA B 124 34.30 7.64 -14.25
C ALA B 124 34.06 9.14 -14.37
N SER B 125 33.58 9.58 -15.54
CA SER B 125 33.34 11.01 -15.82
C SER B 125 32.03 11.47 -15.15
N THR B 126 31.98 12.76 -14.81
CA THR B 126 30.73 13.42 -14.45
C THR B 126 29.77 13.33 -15.64
N LYS B 127 28.48 13.07 -15.35
CA LYS B 127 27.43 13.10 -16.36
C LYS B 127 26.16 13.67 -15.73
N GLY B 128 25.60 14.71 -16.36
CA GLY B 128 24.33 15.27 -15.90
C GLY B 128 23.16 14.42 -16.36
N PRO B 129 22.04 14.43 -15.62
CA PRO B 129 20.87 13.58 -15.96
C PRO B 129 20.02 14.16 -17.08
N SER B 130 19.34 13.28 -17.81
CA SER B 130 18.16 13.66 -18.59
C SER B 130 16.94 13.60 -17.67
N VAL B 131 15.94 14.44 -17.92
CA VAL B 131 14.72 14.47 -17.12
C VAL B 131 13.53 14.26 -18.05
N PHE B 132 12.79 13.18 -17.81
CA PHE B 132 11.66 12.80 -18.65
C PHE B 132 10.37 12.82 -17.82
N PRO B 133 9.26 13.26 -18.42
CA PRO B 133 7.98 13.28 -17.70
C PRO B 133 7.45 11.86 -17.47
N LEU B 134 6.89 11.66 -16.28
CA LEU B 134 6.01 10.52 -16.05
C LEU B 134 4.57 11.04 -16.10
N ALA B 135 4.00 10.98 -17.30
CA ALA B 135 2.75 11.67 -17.61
C ALA B 135 1.57 10.91 -16.99
N PRO B 136 0.64 11.64 -16.33
CA PRO B 136 -0.56 11.03 -15.76
C PRO B 136 -1.50 10.52 -16.87
N SER B 137 -2.06 9.32 -16.66
CA SER B 137 -3.03 8.73 -17.60
C SER B 137 -4.06 7.91 -16.83
N SER B 138 -4.95 7.26 -17.57
CA SER B 138 -5.97 6.37 -17.01
C SER B 138 -5.30 5.17 -16.35
N LYS B 139 -4.04 4.95 -16.71
CA LYS B 139 -3.26 3.85 -16.17
C LYS B 139 -2.52 4.30 -14.90
N SER B 140 -2.65 5.58 -14.54
CA SER B 140 -2.02 6.10 -13.34
C SER B 140 -3.05 6.83 -12.45
N THR B 141 -4.33 6.50 -12.65
CA THR B 141 -5.44 7.15 -11.95
C THR B 141 -6.30 6.07 -11.27
N SER B 142 -6.80 6.39 -10.07
CA SER B 142 -7.90 5.65 -9.44
C SER B 142 -8.34 6.34 -8.14
N GLY B 143 -9.63 6.21 -7.84
CA GLY B 143 -10.20 6.76 -6.62
C GLY B 143 -10.18 8.28 -6.58
N GLY B 144 -10.11 8.91 -7.77
CA GLY B 144 -10.09 10.37 -7.89
C GLY B 144 -8.70 10.95 -7.77
N THR B 145 -7.69 10.06 -7.69
CA THR B 145 -6.31 10.45 -7.48
C THR B 145 -5.50 10.07 -8.73
N ALA B 146 -4.61 10.99 -9.13
CA ALA B 146 -3.72 10.77 -10.27
C ALA B 146 -2.27 10.80 -9.80
N ALA B 147 -1.47 9.87 -10.29
CA ALA B 147 -0.03 9.89 -10.03
C ALA B 147 0.70 10.43 -11.25
N LEU B 148 1.66 11.33 -11.03
CA LEU B 148 2.58 11.77 -12.08
C LEU B 148 3.98 11.90 -11.47
N GLY B 149 4.98 12.16 -12.29
CA GLY B 149 6.31 12.38 -11.75
C GLY B 149 7.34 12.70 -12.82
N CYS B 150 8.61 12.62 -12.46
CA CYS B 150 9.64 12.68 -13.48
C CYS B 150 10.72 11.64 -13.21
N LEU B 151 11.28 11.15 -14.30
CA LEU B 151 12.36 10.18 -14.30
C LEU B 151 13.67 10.95 -14.50
N VAL B 152 14.60 10.77 -13.56
CA VAL B 152 15.89 11.44 -13.61
C VAL B 152 16.95 10.38 -13.91
N LYS B 153 17.32 10.28 -15.19
CA LYS B 153 18.00 9.10 -15.71
C LYS B 153 19.45 9.44 -16.09
N ASP B 154 20.34 8.49 -15.81
CA ASP B 154 21.71 8.45 -16.35
C ASP B 154 22.62 9.58 -15.88
N TYR B 155 22.88 9.65 -14.58
CA TYR B 155 23.76 10.69 -14.04
C TYR B 155 24.86 10.08 -13.18
N PHE B 156 25.93 10.85 -12.98
CA PHE B 156 27.05 10.44 -12.15
C PHE B 156 27.85 11.67 -11.74
N PRO B 157 28.27 11.80 -10.47
CA PRO B 157 27.93 10.86 -9.38
C PRO B 157 26.67 11.31 -8.65
N GLU B 158 26.37 10.67 -7.51
CA GLU B 158 25.35 11.19 -6.60
C GLU B 158 25.86 12.52 -6.03
N PRO B 159 24.96 13.39 -5.54
CA PRO B 159 23.52 13.13 -5.47
C PRO B 159 22.68 14.05 -6.35
N VAL B 160 21.38 13.75 -6.42
CA VAL B 160 20.39 14.62 -7.04
C VAL B 160 19.36 14.96 -5.96
N THR B 161 18.86 16.19 -5.97
CA THR B 161 17.66 16.55 -5.20
C THR B 161 16.52 16.91 -6.15
N VAL B 162 15.29 16.59 -5.73
CA VAL B 162 14.12 16.89 -6.52
C VAL B 162 13.13 17.67 -5.65
N SER B 163 12.58 18.74 -6.22
CA SER B 163 11.50 19.52 -5.62
C SER B 163 10.29 19.50 -6.55
N TRP B 164 9.12 19.82 -6.00
CA TRP B 164 7.94 20.10 -6.79
C TRP B 164 7.46 21.53 -6.49
N ASN B 165 7.41 22.35 -7.53
CA ASN B 165 7.06 23.77 -7.45
C ASN B 165 7.91 24.46 -6.36
N SER B 166 9.23 24.40 -6.53
CA SER B 166 10.22 25.05 -5.66
C SER B 166 10.02 24.68 -4.18
N GLY B 167 9.19 23.67 -3.91
CA GLY B 167 8.93 23.23 -2.55
C GLY B 167 7.56 23.66 -2.04
N ALA B 168 6.67 24.00 -2.97
CA ALA B 168 5.30 24.37 -2.64
C ALA B 168 4.45 23.11 -2.49
N LEU B 169 4.58 22.20 -3.45
CA LEU B 169 3.87 20.92 -3.43
C LEU B 169 4.74 19.90 -2.69
N THR B 170 4.34 19.56 -1.46
CA THR B 170 5.12 18.65 -0.63
C THR B 170 4.28 17.42 -0.26
N SER B 171 2.97 17.63 -0.14
CA SER B 171 2.05 16.57 0.23
C SER B 171 1.91 15.57 -0.92
N GLY B 172 2.08 14.29 -0.61
CA GLY B 172 1.85 13.24 -1.61
C GLY B 172 3.08 12.93 -2.46
N VAL B 173 4.21 13.60 -2.17
CA VAL B 173 5.45 13.42 -2.92
C VAL B 173 6.24 12.24 -2.36
N HIS B 174 6.71 11.39 -3.26
CA HIS B 174 7.66 10.34 -2.94
C HIS B 174 8.85 10.41 -3.90
N THR B 175 10.02 10.73 -3.37
CA THR B 175 11.25 10.71 -4.15
C THR B 175 12.04 9.47 -3.78
N PHE B 176 12.31 8.64 -4.78
CA PHE B 176 12.91 7.33 -4.55
C PHE B 176 14.43 7.45 -4.49
N PRO B 177 15.08 6.62 -3.66
CA PRO B 177 16.54 6.53 -3.65
C PRO B 177 17.00 6.09 -5.05
N ALA B 178 18.18 6.59 -5.47
CA ALA B 178 18.67 6.25 -6.78
C ALA B 178 19.13 4.79 -6.80
N VAL B 179 19.10 4.21 -7.99
CA VAL B 179 19.66 2.89 -8.24
C VAL B 179 20.85 3.07 -9.18
N LEU B 180 21.88 2.26 -8.94
CA LEU B 180 23.02 2.21 -9.84
C LEU B 180 22.72 1.18 -10.92
N GLN B 181 22.63 1.63 -12.17
CA GLN B 181 22.35 0.77 -13.30
C GLN B 181 23.60 -0.01 -13.68
N SER B 182 23.46 -0.97 -14.59
CA SER B 182 24.59 -1.82 -15.02
C SER B 182 25.63 -0.97 -15.77
N SER B 183 25.17 0.15 -16.34
CA SER B 183 26.01 1.09 -17.07
C SER B 183 26.96 1.84 -16.13
N GLY B 184 26.70 1.77 -14.82
CA GLY B 184 27.50 2.54 -13.87
C GLY B 184 26.99 3.97 -13.73
N LEU B 185 25.84 4.26 -14.35
CA LEU B 185 25.15 5.52 -14.16
C LEU B 185 23.98 5.35 -13.18
N TYR B 186 23.65 6.42 -12.47
CA TYR B 186 22.53 6.42 -11.53
C TYR B 186 21.24 6.86 -12.23
N SER B 187 20.11 6.46 -11.65
CA SER B 187 18.78 6.88 -12.09
C SER B 187 17.84 6.92 -10.87
N LEU B 188 16.93 7.90 -10.83
CA LEU B 188 15.87 7.88 -9.81
C LEU B 188 14.57 8.46 -10.38
N SER B 189 13.48 8.26 -9.65
CA SER B 189 12.21 8.87 -9.99
C SER B 189 11.67 9.61 -8.79
N SER B 190 10.87 10.64 -9.07
CA SER B 190 10.09 11.33 -8.06
C SER B 190 8.64 11.36 -8.53
N VAL B 191 7.71 11.01 -7.65
CA VAL B 191 6.30 10.98 -8.04
C VAL B 191 5.49 11.82 -7.06
N VAL B 192 4.29 12.20 -7.49
CA VAL B 192 3.34 12.84 -6.61
C VAL B 192 1.94 12.38 -6.98
N THR B 193 1.07 12.26 -5.98
CA THR B 193 -0.33 12.00 -6.23
C THR B 193 -1.11 13.31 -6.03
N VAL B 194 -2.04 13.59 -6.95
CA VAL B 194 -2.80 14.82 -6.95
C VAL B 194 -4.26 14.49 -7.30
N PRO B 195 -5.21 15.41 -7.01
CA PRO B 195 -6.60 15.20 -7.45
C PRO B 195 -6.66 15.10 -8.97
N SER B 196 -7.28 14.04 -9.50
CA SER B 196 -7.35 13.83 -10.96
C SER B 196 -8.19 14.93 -11.61
N SER B 197 -8.98 15.64 -10.80
CA SER B 197 -9.87 16.68 -11.28
C SER B 197 -9.07 17.96 -11.59
N SER B 198 -7.80 18.00 -11.19
CA SER B 198 -7.00 19.21 -11.36
C SER B 198 -5.96 19.02 -12.46
N LEU B 199 -6.03 17.91 -13.21
CA LEU B 199 -5.00 17.52 -14.18
C LEU B 199 -5.00 18.43 -15.41
N GLY B 200 -6.01 19.29 -15.54
CA GLY B 200 -6.14 20.13 -16.72
C GLY B 200 -5.97 21.61 -16.40
N THR B 201 -6.03 21.96 -15.12
CA THR B 201 -6.09 23.35 -14.69
C THR B 201 -4.97 23.69 -13.73
N GLN B 202 -4.11 22.71 -13.42
CA GLN B 202 -3.04 22.91 -12.43
C GLN B 202 -1.68 22.56 -13.06
N THR B 203 -0.66 23.36 -12.71
CA THR B 203 0.68 23.23 -13.27
C THR B 203 1.60 22.49 -12.29
N TYR B 204 2.21 21.41 -12.79
CA TYR B 204 3.13 20.61 -11.98
C TYR B 204 4.52 20.63 -12.61
N ILE B 205 5.46 21.23 -11.90
CA ILE B 205 6.85 21.38 -12.35
C ILE B 205 7.75 20.62 -11.37
N CYS B 206 8.60 19.75 -11.89
CA CYS B 206 9.59 19.10 -11.04
C CYS B 206 10.96 19.77 -11.21
N ASN B 207 11.55 20.14 -10.08
CA ASN B 207 12.80 20.89 -10.03
C ASN B 207 13.93 19.92 -9.67
N VAL B 208 14.82 19.68 -10.64
CA VAL B 208 15.91 18.71 -10.48
C VAL B 208 17.25 19.44 -10.43
N ASN B 209 17.99 19.22 -9.34
CA ASN B 209 19.33 19.79 -9.16
C ASN B 209 20.36 18.66 -9.03
N HIS B 210 21.28 18.61 -10.00
CA HIS B 210 22.48 17.77 -9.92
C HIS B 210 23.70 18.67 -9.76
N LYS B 211 24.07 18.93 -8.49
CA LYS B 211 25.10 19.92 -8.16
C LYS B 211 26.46 19.50 -8.71
N PRO B 212 26.78 18.19 -8.74
CA PRO B 212 28.04 17.74 -9.36
C PRO B 212 28.25 18.07 -10.85
N SER B 213 27.21 18.46 -11.59
CA SER B 213 27.39 18.83 -12.99
C SER B 213 26.78 20.21 -13.27
N ASN B 214 26.25 20.83 -12.21
CA ASN B 214 25.56 22.12 -12.26
C ASN B 214 24.34 22.04 -13.19
N THR B 215 23.74 20.85 -13.31
CA THR B 215 22.50 20.68 -14.07
C THR B 215 21.32 21.09 -13.19
N LYS B 216 20.55 22.06 -13.66
CA LYS B 216 19.29 22.42 -13.04
C LYS B 216 18.19 22.35 -14.12
N VAL B 217 17.17 21.54 -13.85
CA VAL B 217 16.13 21.27 -14.84
C VAL B 217 14.76 21.46 -14.18
N ASP B 218 13.92 22.27 -14.82
CA ASP B 218 12.54 22.43 -14.44
C ASP B 218 11.67 21.87 -15.55
N LYS B 219 10.92 20.82 -15.23
CA LYS B 219 10.17 20.11 -16.25
C LYS B 219 8.68 20.08 -15.87
N LYS B 220 7.86 20.52 -16.82
CA LYS B 220 6.41 20.51 -16.71
C LYS B 220 5.89 19.12 -17.04
N VAL B 221 5.03 18.58 -16.18
CA VAL B 221 4.46 17.22 -16.38
C VAL B 221 2.98 17.35 -16.68
N GLU B 222 2.53 16.87 -17.84
CA GLU B 222 1.10 16.98 -18.19
C GLU B 222 0.60 15.71 -18.88
N PRO B 223 -0.74 15.46 -18.87
CA PRO B 223 -1.36 14.24 -19.40
C PRO B 223 -0.85 13.60 -20.70
N ASP D 1 -5.79 -24.16 -23.34
CA ASP D 1 -7.02 -23.41 -22.90
C ASP D 1 -6.91 -21.96 -23.33
N ILE D 2 -8.07 -21.37 -23.61
CA ILE D 2 -8.08 -20.04 -24.19
C ILE D 2 -8.06 -19.02 -23.04
N GLN D 3 -7.06 -18.14 -23.07
CA GLN D 3 -6.94 -17.06 -22.10
C GLN D 3 -7.67 -15.83 -22.66
N MET D 4 -8.50 -15.23 -21.82
CA MET D 4 -9.27 -14.05 -22.16
C MET D 4 -8.78 -12.90 -21.28
N THR D 5 -8.39 -11.78 -21.92
CA THR D 5 -7.82 -10.61 -21.24
C THR D 5 -8.65 -9.36 -21.56
N GLN D 6 -9.17 -8.71 -20.52
CA GLN D 6 -9.94 -7.48 -20.67
C GLN D 6 -9.05 -6.27 -20.44
N SER D 7 -9.44 -5.17 -21.06
CA SER D 7 -8.74 -3.89 -20.88
C SER D 7 -9.78 -2.77 -21.00
N PRO D 8 -9.80 -1.81 -20.06
CA PRO D 8 -8.95 -1.83 -18.85
C PRO D 8 -9.49 -2.81 -17.80
N SER D 9 -8.76 -2.93 -16.68
CA SER D 9 -9.23 -3.74 -15.57
C SER D 9 -10.18 -2.96 -14.67
N SER D 10 -10.02 -1.64 -14.68
CA SER D 10 -10.92 -0.74 -13.95
C SER D 10 -10.99 0.61 -14.68
N LEU D 11 -12.16 1.23 -14.62
CA LEU D 11 -12.33 2.54 -15.24
C LEU D 11 -13.38 3.33 -14.46
N SER D 12 -13.28 4.65 -14.61
CA SER D 12 -14.22 5.60 -14.02
C SER D 12 -14.69 6.55 -15.12
N ALA D 13 -16.00 6.83 -15.17
CA ALA D 13 -16.55 7.69 -16.22
C ALA D 13 -17.86 8.33 -15.76
N SER D 14 -18.23 9.45 -16.40
CA SER D 14 -19.39 10.23 -15.98
C SER D 14 -20.69 9.70 -16.58
N VAL D 15 -21.80 9.98 -15.89
CA VAL D 15 -23.13 9.67 -16.37
C VAL D 15 -23.28 10.31 -17.75
N GLY D 16 -23.73 9.51 -18.72
CA GLY D 16 -23.94 9.97 -20.10
C GLY D 16 -22.72 9.73 -21.00
N ASP D 17 -21.58 9.36 -20.44
CA ASP D 17 -20.38 9.10 -21.24
C ASP D 17 -20.52 7.78 -21.99
N ARG D 18 -19.82 7.67 -23.12
CA ARG D 18 -19.63 6.41 -23.83
C ARG D 18 -18.42 5.69 -23.22
N VAL D 19 -18.60 4.42 -22.83
CA VAL D 19 -17.56 3.60 -22.22
C VAL D 19 -17.32 2.40 -23.16
N THR D 20 -16.05 2.05 -23.41
CA THR D 20 -15.75 0.81 -24.14
C THR D 20 -14.84 -0.07 -23.29
N ILE D 21 -15.15 -1.37 -23.29
CA ILE D 21 -14.32 -2.35 -22.62
C ILE D 21 -13.90 -3.39 -23.67
N THR D 22 -12.60 -3.65 -23.73
CA THR D 22 -12.00 -4.52 -24.73
C THR D 22 -11.81 -5.91 -24.13
N CYS D 23 -11.95 -6.94 -24.97
CA CYS D 23 -11.69 -8.31 -24.56
C CYS D 23 -10.82 -8.94 -25.66
N SER D 24 -9.66 -9.46 -25.29
CA SER D 24 -8.75 -10.08 -26.24
C SER D 24 -8.66 -11.58 -25.95
N ALA D 25 -8.78 -12.43 -26.98
CA ALA D 25 -8.64 -13.88 -26.80
C ALA D 25 -7.26 -14.31 -27.25
N SER D 26 -6.73 -15.37 -26.64
CA SER D 26 -5.40 -15.89 -26.97
C SER D 26 -5.39 -16.65 -28.31
N GLN D 27 -6.57 -16.96 -28.87
CA GLN D 27 -6.71 -17.56 -30.20
C GLN D 27 -8.08 -17.17 -30.77
N ASP D 28 -8.27 -17.39 -32.07
CA ASP D 28 -9.51 -17.09 -32.78
C ASP D 28 -10.64 -17.89 -32.12
N ILE D 29 -11.72 -17.20 -31.71
CA ILE D 29 -12.86 -17.86 -31.04
C ILE D 29 -14.14 -17.79 -31.89
N SER D 30 -14.07 -17.43 -33.17
CA SER D 30 -15.24 -17.64 -34.10
C SER D 30 -16.55 -16.98 -33.63
N ASN D 31 -16.41 -15.80 -33.06
CA ASN D 31 -17.53 -14.97 -32.61
C ASN D 31 -18.27 -15.56 -31.40
N TYR D 32 -17.76 -16.62 -30.79
CA TYR D 32 -18.45 -17.26 -29.67
C TYR D 32 -18.04 -16.58 -28.37
N LEU D 33 -18.61 -15.40 -28.12
CA LEU D 33 -18.16 -14.50 -27.05
C LEU D 33 -19.40 -13.87 -26.40
N ASN D 34 -19.50 -13.98 -25.08
CA ASN D 34 -20.64 -13.41 -24.33
C ASN D 34 -20.12 -12.36 -23.33
N TRP D 35 -20.98 -11.41 -22.95
CA TRP D 35 -20.67 -10.43 -21.91
C TRP D 35 -21.67 -10.56 -20.75
N TYR D 36 -21.15 -10.51 -19.53
CA TYR D 36 -21.96 -10.54 -18.31
C TYR D 36 -21.68 -9.30 -17.47
N GLN D 37 -22.70 -8.90 -16.70
CA GLN D 37 -22.59 -7.82 -15.72
C GLN D 37 -22.79 -8.39 -14.33
N GLN D 38 -21.93 -8.01 -13.37
CA GLN D 38 -22.10 -8.53 -12.02
C GLN D 38 -22.05 -7.39 -11.00
N LYS D 39 -23.14 -7.27 -10.26
CA LYS D 39 -23.29 -6.29 -9.19
C LYS D 39 -23.02 -6.95 -7.83
N PRO D 40 -22.62 -6.16 -6.81
CA PRO D 40 -22.21 -6.72 -5.52
C PRO D 40 -23.27 -7.67 -4.92
N GLY D 41 -22.83 -8.87 -4.54
CA GLY D 41 -23.69 -9.87 -3.89
C GLY D 41 -24.77 -10.44 -4.81
N LYS D 42 -24.59 -10.32 -6.13
CA LYS D 42 -25.53 -10.95 -7.07
C LYS D 42 -24.76 -11.90 -8.00
N ALA D 43 -25.48 -12.86 -8.60
CA ALA D 43 -24.92 -13.68 -9.66
C ALA D 43 -24.66 -12.79 -10.89
N PRO D 44 -23.75 -13.18 -11.78
CA PRO D 44 -23.57 -12.48 -13.06
C PRO D 44 -24.88 -12.54 -13.86
N LYS D 45 -25.13 -11.51 -14.66
CA LYS D 45 -26.30 -11.42 -15.53
C LYS D 45 -25.81 -11.25 -16.98
N VAL D 46 -26.32 -12.04 -17.92
CA VAL D 46 -25.90 -11.92 -19.32
C VAL D 46 -26.46 -10.61 -19.90
N LEU D 47 -25.62 -9.87 -20.63
CA LEU D 47 -26.02 -8.64 -21.31
C LEU D 47 -26.03 -8.87 -22.82
N ILE D 48 -24.91 -9.37 -23.35
CA ILE D 48 -24.74 -9.56 -24.80
C ILE D 48 -24.33 -11.02 -25.01
N TYR D 49 -24.89 -11.68 -26.04
CA TYR D 49 -24.42 -13.03 -26.37
C TYR D 49 -24.05 -13.14 -27.84
N PHE D 50 -23.20 -14.13 -28.15
CA PHE D 50 -22.81 -14.40 -29.54
C PHE D 50 -22.31 -13.11 -30.19
N THR D 51 -21.39 -12.42 -29.50
CA THR D 51 -20.72 -11.16 -29.91
C THR D 51 -21.62 -9.93 -29.83
N SER D 52 -22.77 -9.96 -30.51
CA SER D 52 -23.43 -8.70 -30.78
C SER D 52 -24.92 -8.74 -30.45
N SER D 53 -25.43 -9.85 -29.93
CA SER D 53 -26.88 -9.95 -29.69
C SER D 53 -27.25 -9.44 -28.30
N LEU D 54 -28.18 -8.48 -28.24
CA LEU D 54 -28.60 -7.93 -26.96
C LEU D 54 -29.67 -8.84 -26.33
N HIS D 55 -29.46 -9.23 -25.07
CA HIS D 55 -30.41 -10.07 -24.35
C HIS D 55 -31.69 -9.28 -24.05
N SER D 56 -32.83 -10.00 -24.10
CA SER D 56 -34.13 -9.41 -23.74
C SER D 56 -34.01 -8.71 -22.38
N GLY D 57 -34.66 -7.56 -22.24
CA GLY D 57 -34.69 -6.89 -20.95
C GLY D 57 -33.53 -5.93 -20.72
N VAL D 58 -32.46 -6.02 -21.53
CA VAL D 58 -31.26 -5.22 -21.30
C VAL D 58 -31.38 -3.90 -22.09
N PRO D 59 -31.09 -2.75 -21.45
CA PRO D 59 -31.23 -1.46 -22.15
C PRO D 59 -30.38 -1.40 -23.42
N SER D 60 -30.91 -0.73 -24.45
CA SER D 60 -30.28 -0.66 -25.76
C SER D 60 -28.95 0.12 -25.74
N ARG D 61 -28.59 0.77 -24.63
CA ARG D 61 -27.30 1.48 -24.53
C ARG D 61 -26.13 0.49 -24.50
N PHE D 62 -26.40 -0.78 -24.24
CA PHE D 62 -25.40 -1.86 -24.29
C PHE D 62 -25.34 -2.44 -25.70
N SER D 63 -24.14 -2.54 -26.27
CA SER D 63 -23.92 -3.21 -27.55
C SER D 63 -22.58 -3.95 -27.52
N GLY D 64 -22.43 -4.93 -28.41
CA GLY D 64 -21.20 -5.68 -28.48
C GLY D 64 -20.73 -5.82 -29.93
N SER D 65 -19.42 -5.92 -30.09
CA SER D 65 -18.84 -6.04 -31.44
C SER D 65 -17.58 -6.89 -31.36
N GLY D 66 -17.07 -7.31 -32.52
CA GLY D 66 -15.78 -7.97 -32.54
C GLY D 66 -15.75 -9.20 -33.43
N SER D 67 -14.55 -9.71 -33.62
CA SER D 67 -14.32 -10.92 -34.39
C SER D 67 -12.89 -11.37 -34.12
N GLY D 68 -12.60 -12.63 -34.41
CA GLY D 68 -11.25 -13.17 -34.31
C GLY D 68 -10.80 -13.23 -32.85
N THR D 69 -9.91 -12.32 -32.47
CA THR D 69 -9.39 -12.33 -31.11
C THR D 69 -9.75 -11.03 -30.38
N ASP D 70 -10.46 -10.11 -31.04
CA ASP D 70 -10.70 -8.79 -30.44
C ASP D 70 -12.18 -8.44 -30.37
N PHE D 71 -12.66 -8.12 -29.16
CA PHE D 71 -14.08 -7.87 -28.88
C PHE D 71 -14.24 -6.62 -28.02
N THR D 72 -15.38 -5.94 -28.17
CA THR D 72 -15.64 -4.73 -27.40
C THR D 72 -17.09 -4.76 -26.90
N LEU D 73 -17.26 -4.37 -25.64
CA LEU D 73 -18.56 -4.01 -25.08
C LEU D 73 -18.63 -2.48 -25.01
N THR D 74 -19.67 -1.90 -25.62
CA THR D 74 -19.89 -0.47 -25.55
C THR D 74 -21.14 -0.17 -24.71
N ILE D 75 -20.99 0.78 -23.78
CA ILE D 75 -22.13 1.38 -23.08
C ILE D 75 -22.24 2.82 -23.60
N SER D 76 -23.30 3.14 -24.33
CA SER D 76 -23.31 4.35 -25.14
C SER D 76 -23.57 5.61 -24.29
N SER D 77 -24.22 5.41 -23.14
CA SER D 77 -24.61 6.49 -22.23
C SER D 77 -24.67 5.94 -20.79
N LEU D 78 -23.54 6.04 -20.10
CA LEU D 78 -23.38 5.38 -18.80
C LEU D 78 -24.38 5.95 -17.77
N GLN D 79 -24.97 5.05 -16.97
CA GLN D 79 -25.94 5.42 -15.93
C GLN D 79 -25.42 4.98 -14.55
N PRO D 80 -25.89 5.61 -13.45
CA PRO D 80 -25.33 5.31 -12.12
C PRO D 80 -25.44 3.82 -11.74
N GLU D 81 -26.50 3.16 -12.24
CA GLU D 81 -26.79 1.76 -11.94
C GLU D 81 -25.83 0.82 -12.67
N ASP D 82 -25.02 1.36 -13.57
CA ASP D 82 -24.11 0.51 -14.35
C ASP D 82 -22.84 0.23 -13.55
N PHE D 83 -22.72 0.76 -12.34
CA PHE D 83 -21.66 0.33 -11.44
C PHE D 83 -21.75 -1.19 -11.34
N ALA D 84 -20.66 -1.87 -11.67
CA ALA D 84 -20.66 -3.32 -11.79
C ALA D 84 -19.28 -3.77 -12.26
N THR D 85 -19.00 -5.08 -12.16
CA THR D 85 -17.88 -5.69 -12.86
C THR D 85 -18.43 -6.39 -14.11
N TYR D 86 -17.76 -6.18 -15.25
CA TYR D 86 -18.18 -6.78 -16.51
C TYR D 86 -17.19 -7.87 -16.91
N TYR D 87 -17.71 -8.99 -17.43
CA TYR D 87 -16.88 -10.11 -17.80
C TYR D 87 -17.21 -10.56 -19.22
N CYS D 88 -16.17 -10.83 -20.01
CA CYS D 88 -16.35 -11.54 -21.28
C CYS D 88 -16.13 -13.04 -21.05
N GLN D 89 -16.67 -13.86 -21.96
CA GLN D 89 -16.59 -15.32 -21.79
C GLN D 89 -16.63 -15.97 -23.17
N GLN D 90 -15.66 -16.86 -23.48
CA GLN D 90 -15.65 -17.57 -24.77
C GLN D 90 -16.31 -18.95 -24.63
N TYR D 91 -16.97 -19.39 -25.71
CA TYR D 91 -17.47 -20.76 -25.79
C TYR D 91 -17.08 -21.38 -27.14
N SER D 92 -15.88 -21.06 -27.60
CA SER D 92 -15.31 -21.70 -28.79
C SER D 92 -14.85 -23.13 -28.47
N THR D 93 -14.10 -23.28 -27.37
CA THR D 93 -13.43 -24.54 -27.02
C THR D 93 -13.48 -24.75 -25.50
N VAL D 94 -13.82 -25.96 -25.06
CA VAL D 94 -13.81 -26.27 -23.62
C VAL D 94 -12.36 -26.33 -23.14
N PRO D 95 -12.08 -25.93 -21.88
CA PRO D 95 -13.07 -25.41 -20.94
C PRO D 95 -13.50 -23.97 -21.27
N TRP D 96 -14.77 -23.63 -21.02
CA TRP D 96 -15.20 -22.24 -21.17
C TRP D 96 -14.42 -21.37 -20.20
N THR D 97 -14.02 -20.17 -20.65
CA THR D 97 -13.18 -19.30 -19.84
C THR D 97 -13.70 -17.87 -19.90
N PHE D 98 -13.46 -17.15 -18.80
CA PHE D 98 -13.89 -15.78 -18.61
C PHE D 98 -12.66 -14.87 -18.59
N GLY D 99 -12.82 -13.62 -19.02
CA GLY D 99 -11.84 -12.57 -18.74
C GLY D 99 -11.77 -12.27 -17.24
N GLN D 100 -10.80 -11.47 -16.82
CA GLN D 100 -10.55 -11.24 -15.40
C GLN D 100 -11.56 -10.26 -14.80
N GLY D 101 -12.34 -9.59 -15.63
CA GLY D 101 -13.32 -8.62 -15.16
C GLY D 101 -12.83 -7.18 -15.31
N THR D 102 -13.78 -6.29 -15.58
CA THR D 102 -13.52 -4.86 -15.62
C THR D 102 -14.48 -4.17 -14.65
N LYS D 103 -13.92 -3.47 -13.65
CA LYS D 103 -14.76 -2.74 -12.70
C LYS D 103 -15.04 -1.35 -13.27
N VAL D 104 -16.31 -0.97 -13.26
CA VAL D 104 -16.73 0.33 -13.76
C VAL D 104 -17.25 1.14 -12.57
N GLU D 105 -16.59 2.29 -12.33
CA GLU D 105 -17.00 3.25 -11.31
C GLU D 105 -17.71 4.43 -12.00
N ILE D 106 -18.74 4.97 -11.34
CA ILE D 106 -19.50 6.09 -11.88
C ILE D 106 -18.98 7.39 -11.24
N LYS D 107 -18.50 8.30 -12.09
CA LYS D 107 -18.07 9.62 -11.64
C LYS D 107 -19.28 10.41 -11.17
N ARG D 108 -19.06 11.29 -10.20
CA ARG D 108 -20.07 12.26 -9.81
C ARG D 108 -19.34 13.49 -9.26
N THR D 109 -20.11 14.49 -8.89
CA THR D 109 -19.52 15.70 -8.33
C THR D 109 -18.93 15.39 -6.95
N VAL D 110 -17.90 16.14 -6.59
CA VAL D 110 -17.19 15.95 -5.35
C VAL D 110 -18.16 16.13 -4.18
N ALA D 111 -18.07 15.23 -3.22
CA ALA D 111 -18.94 15.27 -2.05
C ALA D 111 -18.08 14.97 -0.82
N ALA D 112 -18.06 15.90 0.13
CA ALA D 112 -17.24 15.73 1.33
C ALA D 112 -17.91 14.72 2.26
N PRO D 113 -17.11 13.95 3.03
CA PRO D 113 -17.72 13.05 4.01
C PRO D 113 -18.26 13.81 5.23
N SER D 114 -19.36 13.31 5.77
CA SER D 114 -19.77 13.63 7.13
C SER D 114 -19.02 12.69 8.08
N VAL D 115 -18.37 13.25 9.10
CA VAL D 115 -17.52 12.43 9.96
C VAL D 115 -18.19 12.26 11.33
N PHE D 116 -18.12 11.03 11.87
CA PHE D 116 -18.62 10.72 13.21
C PHE D 116 -17.59 9.86 13.93
N ILE D 117 -17.46 10.04 15.26
CA ILE D 117 -16.60 9.14 16.06
C ILE D 117 -17.44 8.41 17.10
N PHE D 118 -17.11 7.14 17.36
CA PHE D 118 -17.82 6.33 18.34
C PHE D 118 -16.84 5.80 19.39
N PRO D 119 -17.03 6.17 20.68
CA PRO D 119 -16.24 5.55 21.75
C PRO D 119 -16.58 4.06 21.94
N PRO D 120 -15.70 3.29 22.61
CA PRO D 120 -16.05 1.91 22.85
C PRO D 120 -17.27 1.83 23.77
N SER D 121 -18.12 0.83 23.54
CA SER D 121 -19.29 0.60 24.38
C SER D 121 -18.82 0.02 25.71
N ASP D 122 -19.59 0.27 26.77
CA ASP D 122 -19.37 -0.41 28.06
C ASP D 122 -19.40 -1.93 27.93
N GLU D 123 -20.27 -2.42 27.03
CA GLU D 123 -20.42 -3.84 26.77
C GLU D 123 -19.09 -4.45 26.32
N GLN D 124 -18.40 -3.79 25.37
CA GLN D 124 -17.13 -4.32 24.91
C GLN D 124 -16.07 -4.17 26.00
N LEU D 125 -16.08 -3.04 26.70
CA LEU D 125 -15.06 -2.75 27.70
C LEU D 125 -15.10 -3.80 28.82
N LYS D 126 -16.31 -4.24 29.17
CA LYS D 126 -16.48 -5.24 30.23
C LYS D 126 -15.79 -6.56 29.83
N SER D 127 -15.53 -6.76 28.53
CA SER D 127 -14.84 -7.96 28.06
C SER D 127 -13.33 -7.73 27.94
N GLY D 128 -12.86 -6.50 28.15
CA GLY D 128 -11.43 -6.26 28.25
C GLY D 128 -10.79 -5.70 26.97
N THR D 129 -11.63 -5.32 26.00
CA THR D 129 -11.12 -4.74 24.76
C THR D 129 -11.85 -3.43 24.48
N ALA D 130 -11.22 -2.57 23.67
CA ALA D 130 -11.78 -1.27 23.35
C ALA D 130 -11.60 -1.01 21.85
N SER D 131 -12.71 -0.91 21.12
CA SER D 131 -12.68 -0.53 19.70
C SER D 131 -13.23 0.88 19.55
N VAL D 132 -12.44 1.76 18.93
CA VAL D 132 -12.88 3.12 18.62
C VAL D 132 -13.15 3.17 17.12
N VAL D 133 -14.30 3.72 16.72
CA VAL D 133 -14.71 3.65 15.32
C VAL D 133 -14.92 5.07 14.77
N CYS D 134 -14.31 5.35 13.63
CA CYS D 134 -14.51 6.61 12.90
C CYS D 134 -15.29 6.28 11.63
N LEU D 135 -16.38 7.03 11.38
CA LEU D 135 -17.21 6.84 10.18
C LEU D 135 -17.10 8.07 9.28
N LEU D 136 -16.82 7.84 8.01
CA LEU D 136 -16.87 8.87 6.96
C LEU D 136 -18.06 8.49 6.08
N ASN D 137 -19.08 9.34 6.02
CA ASN D 137 -20.34 8.97 5.40
C ASN D 137 -20.55 9.75 4.10
N ASN D 138 -20.86 9.00 3.02
CA ASN D 138 -21.40 9.51 1.75
C ASN D 138 -20.47 10.54 1.10
N PHE D 139 -19.31 10.09 0.63
CA PHE D 139 -18.35 10.99 0.00
C PHE D 139 -17.99 10.49 -1.40
N TYR D 140 -17.42 11.41 -2.19
CA TYR D 140 -16.85 11.11 -3.49
C TYR D 140 -15.80 12.18 -3.80
N PRO D 141 -14.62 11.85 -4.35
CA PRO D 141 -14.23 10.50 -4.79
C PRO D 141 -13.80 9.57 -3.64
N ARG D 142 -13.34 8.36 -4.00
CA ARG D 142 -13.16 7.26 -3.03
C ARG D 142 -11.96 7.50 -2.10
N GLU D 143 -10.94 8.20 -2.59
CA GLU D 143 -9.72 8.40 -1.81
C GLU D 143 -10.00 9.34 -0.63
N ALA D 144 -9.68 8.86 0.57
CA ALA D 144 -9.78 9.64 1.79
C ALA D 144 -8.64 9.20 2.71
N LYS D 145 -8.20 10.11 3.56
CA LYS D 145 -7.10 9.82 4.46
C LYS D 145 -7.61 9.98 5.89
N VAL D 146 -7.42 8.95 6.71
CA VAL D 146 -7.85 8.98 8.10
C VAL D 146 -6.60 8.84 8.97
N GLN D 147 -6.38 9.82 9.84
CA GLN D 147 -5.32 9.70 10.83
C GLN D 147 -5.96 9.54 12.21
N TRP D 148 -5.34 8.72 13.04
CA TRP D 148 -5.77 8.58 14.42
C TRP D 148 -4.79 9.30 15.33
N LYS D 149 -5.31 10.15 16.21
CA LYS D 149 -4.49 10.89 17.18
C LYS D 149 -4.98 10.55 18.58
N VAL D 150 -4.09 9.95 19.39
CA VAL D 150 -4.42 9.58 20.75
C VAL D 150 -3.47 10.36 21.65
N ASP D 151 -4.01 11.29 22.43
CA ASP D 151 -3.21 12.31 23.12
C ASP D 151 -2.16 12.91 22.18
N ASN D 152 -2.57 13.28 20.97
CA ASN D 152 -1.75 14.04 20.02
C ASN D 152 -0.68 13.16 19.35
N ALA D 153 -0.57 11.90 19.75
CA ALA D 153 0.38 10.99 19.14
C ALA D 153 -0.35 10.17 18.08
N LEU D 154 0.32 9.89 16.96
CA LEU D 154 -0.34 9.26 15.83
C LEU D 154 -0.34 7.74 16.01
N GLN D 155 -1.50 7.14 15.75
CA GLN D 155 -1.71 5.70 15.87
C GLN D 155 -2.36 5.14 14.60
N SER D 156 -2.29 5.89 13.50
CA SER D 156 -2.99 5.57 12.26
C SER D 156 -2.64 4.15 11.77
N GLY D 157 -1.39 3.75 11.96
CA GLY D 157 -0.94 2.46 11.44
C GLY D 157 -1.54 1.27 12.17
N ASN D 158 -2.22 1.49 13.30
CA ASN D 158 -2.76 0.42 14.13
C ASN D 158 -4.23 0.14 13.79
N SER D 159 -4.82 0.96 12.92
CA SER D 159 -6.25 0.90 12.58
C SER D 159 -6.47 0.07 11.30
N GLN D 160 -7.72 -0.36 11.10
CA GLN D 160 -8.11 -1.07 9.87
C GLN D 160 -9.32 -0.36 9.27
N GLU D 161 -9.33 -0.25 7.94
CA GLU D 161 -10.40 0.45 7.23
C GLU D 161 -11.22 -0.53 6.40
N SER D 162 -12.50 -0.19 6.23
CA SER D 162 -13.38 -0.89 5.29
C SER D 162 -14.17 0.17 4.53
N VAL D 163 -14.36 -0.04 3.24
CA VAL D 163 -15.09 0.93 2.39
C VAL D 163 -16.27 0.19 1.75
N THR D 164 -17.44 0.83 1.74
CA THR D 164 -18.60 0.26 1.05
C THR D 164 -18.37 0.22 -0.47
N GLU D 165 -19.12 -0.65 -1.15
CA GLU D 165 -19.19 -0.59 -2.60
C GLU D 165 -19.88 0.73 -2.98
N GLN D 166 -19.60 1.22 -4.19
CA GLN D 166 -20.24 2.43 -4.63
C GLN D 166 -21.75 2.22 -4.67
N ASP D 167 -22.47 3.21 -4.16
CA ASP D 167 -23.92 3.21 -4.14
C ASP D 167 -24.44 3.29 -5.59
N SER D 168 -25.43 2.44 -5.92
CA SER D 168 -25.88 2.28 -7.31
C SER D 168 -26.81 3.44 -7.73
N LYS D 169 -27.18 4.28 -6.77
CA LYS D 169 -28.10 5.39 -7.02
C LYS D 169 -27.37 6.74 -6.96
N ASP D 170 -26.66 7.02 -5.85
CA ASP D 170 -26.07 8.35 -5.66
C ASP D 170 -24.54 8.37 -5.83
N SER D 171 -23.96 7.22 -6.15
CA SER D 171 -22.57 7.07 -6.57
C SER D 171 -21.59 7.46 -5.46
N THR D 172 -22.02 7.40 -4.20
CA THR D 172 -21.11 7.77 -3.09
C THR D 172 -20.54 6.53 -2.42
N TYR D 173 -19.54 6.78 -1.56
CA TYR D 173 -18.91 5.77 -0.73
C TYR D 173 -19.05 6.16 0.74
N SER D 174 -18.98 5.15 1.62
CA SER D 174 -18.78 5.37 3.04
C SER D 174 -17.57 4.56 3.51
N LEU D 175 -16.95 4.98 4.60
CA LEU D 175 -15.74 4.30 5.07
C LEU D 175 -15.76 4.21 6.60
N SER D 176 -15.33 3.07 7.14
CA SER D 176 -15.11 2.94 8.58
C SER D 176 -13.62 2.77 8.83
N SER D 177 -13.15 3.38 9.93
CA SER D 177 -11.80 3.12 10.41
C SER D 177 -11.91 2.71 11.88
N THR D 178 -11.29 1.58 12.23
CA THR D 178 -11.45 1.01 13.57
C THR D 178 -10.08 0.83 14.21
N LEU D 179 -9.95 1.36 15.41
CA LEU D 179 -8.72 1.27 16.19
C LEU D 179 -9.07 0.51 17.46
N THR D 180 -8.48 -0.68 17.60
CA THR D 180 -8.79 -1.55 18.72
C THR D 180 -7.59 -1.63 19.66
N LEU D 181 -7.84 -1.37 20.95
CA LEU D 181 -6.84 -1.38 22.01
C LEU D 181 -7.28 -2.37 23.09
N SER D 182 -6.32 -2.89 23.87
CA SER D 182 -6.69 -3.55 25.11
C SER D 182 -7.37 -2.52 26.02
N LYS D 183 -8.19 -2.99 26.96
CA LYS D 183 -8.84 -2.11 27.93
C LYS D 183 -7.77 -1.31 28.67
N ALA D 184 -6.66 -1.99 29.00
CA ALA D 184 -5.54 -1.41 29.74
C ALA D 184 -4.92 -0.26 28.93
N ASP D 185 -4.59 -0.51 27.67
CA ASP D 185 -4.02 0.50 26.80
C ASP D 185 -4.97 1.69 26.60
N TYR D 186 -6.27 1.40 26.40
CA TYR D 186 -7.30 2.44 26.27
C TYR D 186 -7.28 3.37 27.49
N GLU D 187 -7.11 2.80 28.68
CA GLU D 187 -7.28 3.55 29.92
C GLU D 187 -6.04 4.40 30.22
N LYS D 188 -4.97 4.28 29.44
CA LYS D 188 -3.77 5.08 29.70
C LYS D 188 -3.76 6.34 28.84
N HIS D 189 -4.85 6.59 28.10
CA HIS D 189 -4.94 7.78 27.25
C HIS D 189 -6.25 8.53 27.51
N LYS D 190 -6.26 9.84 27.20
CA LYS D 190 -7.41 10.69 27.47
C LYS D 190 -8.16 11.07 26.18
N VAL D 191 -7.44 11.63 25.20
CA VAL D 191 -8.06 12.22 24.01
C VAL D 191 -7.92 11.25 22.82
N TYR D 192 -9.05 10.90 22.22
CA TYR D 192 -9.11 10.04 21.04
C TYR D 192 -9.71 10.84 19.88
N ALA D 193 -8.95 10.98 18.79
CA ALA D 193 -9.39 11.80 17.67
C ALA D 193 -9.12 11.09 16.35
N CYS D 194 -10.06 11.20 15.42
CA CYS D 194 -9.79 10.82 14.04
C CYS D 194 -9.84 12.09 13.18
N GLU D 195 -8.84 12.24 12.32
CA GLU D 195 -8.70 13.44 11.50
C GLU D 195 -8.80 13.03 10.04
N VAL D 196 -9.70 13.69 9.29
CA VAL D 196 -10.05 13.24 7.95
C VAL D 196 -9.63 14.31 6.91
N THR D 197 -8.94 13.84 5.86
CA THR D 197 -8.55 14.63 4.70
C THR D 197 -9.22 14.04 3.45
N HIS D 198 -9.85 14.91 2.66
CA HIS D 198 -10.57 14.52 1.46
C HIS D 198 -10.64 15.74 0.53
N GLN D 199 -10.79 15.49 -0.76
CA GLN D 199 -10.82 16.54 -1.78
C GLN D 199 -11.97 17.52 -1.51
N GLY D 200 -13.06 17.03 -0.91
CA GLY D 200 -14.22 17.86 -0.64
C GLY D 200 -14.04 18.79 0.56
N LEU D 201 -12.93 18.65 1.29
CA LEU D 201 -12.69 19.43 2.52
C LEU D 201 -11.54 20.39 2.28
N SER D 202 -11.76 21.68 2.58
CA SER D 202 -10.73 22.69 2.37
C SER D 202 -9.62 22.55 3.42
N SER D 203 -9.99 22.03 4.59
CA SER D 203 -9.03 21.68 5.63
C SER D 203 -9.50 20.41 6.36
N PRO D 204 -8.57 19.68 7.00
CA PRO D 204 -8.94 18.41 7.66
C PRO D 204 -10.08 18.60 8.68
N VAL D 205 -10.93 17.59 8.78
CA VAL D 205 -11.99 17.58 9.78
C VAL D 205 -11.59 16.58 10.88
N THR D 206 -11.66 17.03 12.13
CA THR D 206 -11.35 16.21 13.29
C THR D 206 -12.61 16.02 14.14
N LYS D 207 -12.88 14.77 14.48
CA LYS D 207 -13.89 14.45 15.47
C LYS D 207 -13.18 13.76 16.63
N SER D 208 -13.52 14.13 17.86
CA SER D 208 -12.78 13.62 19.01
C SER D 208 -13.70 13.46 20.22
N PHE D 209 -13.22 12.70 21.21
CA PHE D 209 -13.85 12.63 22.51
C PHE D 209 -12.79 12.47 23.59
N ASN D 210 -13.17 12.76 24.84
CA ASN D 210 -12.32 12.52 26.01
C ASN D 210 -12.83 11.28 26.73
N ARG D 211 -11.93 10.31 26.98
CA ARG D 211 -12.33 9.04 27.59
C ARG D 211 -13.04 9.32 28.93
N GLY D 212 -14.24 8.76 29.09
CA GLY D 212 -15.06 8.98 30.27
C GLY D 212 -15.45 10.44 30.45
N GLU E 1 -42.09 -19.74 -13.64
CA GLU E 1 -40.80 -19.01 -13.68
C GLU E 1 -39.67 -20.04 -13.58
N VAL E 2 -38.63 -19.84 -14.40
CA VAL E 2 -37.45 -20.69 -14.35
C VAL E 2 -36.62 -20.26 -13.14
N GLN E 3 -36.33 -21.19 -12.22
CA GLN E 3 -35.40 -20.87 -11.15
C GLN E 3 -34.51 -22.06 -10.81
N LEU E 4 -33.33 -21.71 -10.28
CA LEU E 4 -32.32 -22.64 -9.79
C LEU E 4 -32.00 -22.23 -8.35
N VAL E 5 -32.19 -23.17 -7.42
CA VAL E 5 -32.01 -22.90 -6.00
C VAL E 5 -30.91 -23.83 -5.49
N GLU E 6 -29.84 -23.25 -4.98
CA GLU E 6 -28.74 -24.08 -4.52
C GLU E 6 -28.73 -24.18 -3.00
N SER E 7 -28.04 -25.22 -2.53
CA SER E 7 -27.88 -25.45 -1.10
C SER E 7 -26.70 -26.39 -0.87
N GLY E 8 -26.29 -26.50 0.39
CA GLY E 8 -25.25 -27.44 0.77
C GLY E 8 -23.94 -26.77 1.15
N GLY E 9 -23.83 -25.46 0.93
CA GLY E 9 -22.63 -24.72 1.27
C GLY E 9 -22.40 -24.65 2.78
N GLY E 10 -21.14 -24.51 3.17
CA GLY E 10 -20.79 -24.44 4.59
C GLY E 10 -19.30 -24.51 4.81
N LEU E 11 -18.92 -24.54 6.08
CA LEU E 11 -17.52 -24.64 6.46
C LEU E 11 -17.13 -26.12 6.55
N VAL E 12 -15.96 -26.44 6.02
CA VAL E 12 -15.45 -27.80 5.97
C VAL E 12 -13.92 -27.74 6.12
N GLN E 13 -13.35 -28.73 6.81
CA GLN E 13 -11.91 -28.81 7.02
C GLN E 13 -11.21 -29.25 5.73
N PRO E 14 -9.95 -28.81 5.52
CA PRO E 14 -9.14 -29.33 4.42
C PRO E 14 -9.15 -30.87 4.45
N GLY E 15 -9.33 -31.49 3.29
CA GLY E 15 -9.40 -32.94 3.18
C GLY E 15 -10.83 -33.46 3.35
N GLY E 16 -11.75 -32.57 3.76
CA GLY E 16 -13.14 -32.94 3.97
C GLY E 16 -13.93 -32.97 2.66
N SER E 17 -15.23 -33.24 2.78
CA SER E 17 -16.13 -33.39 1.65
C SER E 17 -17.40 -32.58 1.87
N LEU E 18 -18.01 -32.12 0.77
CA LEU E 18 -19.32 -31.44 0.81
C LEU E 18 -20.09 -31.85 -0.43
N ARG E 19 -21.41 -31.93 -0.33
CA ARG E 19 -22.24 -32.11 -1.53
C ARG E 19 -23.12 -30.88 -1.69
N LEU E 20 -23.02 -30.21 -2.84
CA LEU E 20 -23.90 -29.10 -3.14
C LEU E 20 -25.07 -29.61 -4.01
N SER E 21 -26.21 -28.96 -3.88
CA SER E 21 -27.36 -29.32 -4.69
C SER E 21 -27.86 -28.08 -5.45
N CYS E 22 -28.39 -28.32 -6.65
CA CYS E 22 -28.98 -27.29 -7.47
C CYS E 22 -30.37 -27.78 -7.87
N ALA E 23 -31.41 -27.27 -7.20
CA ALA E 23 -32.79 -27.69 -7.45
C ALA E 23 -33.40 -26.79 -8.53
N ALA E 24 -33.86 -27.41 -9.61
CA ALA E 24 -34.39 -26.68 -10.76
C ALA E 24 -35.92 -26.73 -10.75
N SER E 25 -36.56 -25.67 -11.24
CA SER E 25 -38.00 -25.71 -11.41
C SER E 25 -38.41 -24.82 -12.59
N GLY E 26 -39.58 -25.12 -13.16
CA GLY E 26 -40.25 -24.21 -14.09
C GLY E 26 -39.82 -24.41 -15.54
N TYR E 27 -39.21 -25.56 -15.86
CA TYR E 27 -38.82 -25.89 -17.23
C TYR E 27 -38.61 -27.40 -17.32
N THR E 28 -38.43 -27.93 -18.54
CA THR E 28 -38.18 -29.35 -18.70
C THR E 28 -36.73 -29.65 -18.31
N PHE E 29 -36.54 -30.31 -17.16
CA PHE E 29 -35.23 -30.45 -16.54
C PHE E 29 -34.23 -31.09 -17.51
N THR E 30 -34.67 -32.16 -18.21
CA THR E 30 -33.70 -32.96 -18.99
C THR E 30 -33.43 -32.39 -20.38
N ASN E 31 -33.90 -31.16 -20.66
CA ASN E 31 -33.67 -30.53 -21.97
C ASN E 31 -32.49 -29.55 -21.93
N TYR E 32 -31.92 -29.31 -20.75
CA TYR E 32 -30.85 -28.31 -20.54
C TYR E 32 -29.74 -28.92 -19.71
N GLY E 33 -28.48 -28.77 -20.15
CA GLY E 33 -27.34 -29.15 -19.33
C GLY E 33 -27.36 -28.37 -18.03
N MET E 34 -26.65 -28.87 -17.01
CA MET E 34 -26.43 -28.04 -15.83
C MET E 34 -24.94 -27.72 -15.74
N ASN E 35 -24.65 -26.42 -15.65
CA ASN E 35 -23.28 -25.93 -15.57
C ASN E 35 -22.95 -25.53 -14.13
N TRP E 36 -21.66 -25.65 -13.77
CA TRP E 36 -21.17 -25.21 -12.46
C TRP E 36 -20.05 -24.20 -12.66
N VAL E 37 -20.18 -23.04 -12.01
CA VAL E 37 -19.21 -21.95 -12.08
C VAL E 37 -18.92 -21.51 -10.64
N ARG E 38 -17.66 -21.24 -10.33
CA ARG E 38 -17.30 -20.79 -8.99
C ARG E 38 -16.59 -19.45 -9.05
N GLN E 39 -16.63 -18.74 -7.92
CA GLN E 39 -16.02 -17.43 -7.81
C GLN E 39 -15.41 -17.29 -6.42
N ALA E 40 -14.09 -17.25 -6.36
CA ALA E 40 -13.42 -17.06 -5.07
C ALA E 40 -13.69 -15.63 -4.58
N PRO E 41 -13.74 -15.41 -3.24
CA PRO E 41 -14.02 -14.08 -2.69
C PRO E 41 -13.12 -13.01 -3.30
N GLY E 42 -13.75 -11.99 -3.88
CA GLY E 42 -13.06 -10.87 -4.53
C GLY E 42 -12.28 -11.29 -5.76
N LYS E 43 -12.67 -12.40 -6.38
CA LYS E 43 -11.96 -12.91 -7.54
C LYS E 43 -12.92 -13.07 -8.73
N GLY E 44 -12.40 -13.60 -9.84
CA GLY E 44 -13.13 -13.75 -11.09
C GLY E 44 -13.91 -15.06 -11.15
N LEU E 45 -14.36 -15.41 -12.36
CA LEU E 45 -15.28 -16.53 -12.56
C LEU E 45 -14.53 -17.69 -13.21
N GLU E 46 -14.80 -18.91 -12.74
CA GLU E 46 -14.13 -20.11 -13.22
C GLU E 46 -15.19 -21.19 -13.50
N TRP E 47 -15.22 -21.70 -14.72
CA TRP E 47 -16.17 -22.77 -15.06
C TRP E 47 -15.60 -24.09 -14.56
N VAL E 48 -16.40 -24.81 -13.76
CA VAL E 48 -15.97 -26.08 -13.17
C VAL E 48 -16.27 -27.23 -14.14
N GLY E 49 -17.41 -27.15 -14.83
CA GLY E 49 -17.79 -28.19 -15.79
C GLY E 49 -19.30 -28.22 -15.98
N TRP E 50 -19.81 -29.26 -16.64
CA TRP E 50 -21.26 -29.36 -16.86
C TRP E 50 -21.67 -30.83 -16.96
N ILE E 51 -22.97 -31.08 -16.98
CA ILE E 51 -23.47 -32.44 -17.13
C ILE E 51 -24.71 -32.39 -18.04
N ASN E 52 -24.74 -33.34 -18.98
CA ASN E 52 -25.91 -33.53 -19.85
C ASN E 52 -27.00 -34.18 -18.99
N THR E 53 -28.16 -33.53 -18.85
CA THR E 53 -29.13 -33.95 -17.83
C THR E 53 -30.00 -35.12 -18.30
N TYR E 54 -29.93 -35.47 -19.58
CA TYR E 54 -30.59 -36.68 -20.05
C TYR E 54 -29.62 -37.87 -19.96
N THR E 55 -28.41 -37.71 -20.49
CA THR E 55 -27.47 -38.84 -20.58
C THR E 55 -26.75 -39.06 -19.24
N GLY E 56 -26.68 -38.00 -18.40
CA GLY E 56 -25.93 -38.07 -17.15
C GLY E 56 -24.43 -37.93 -17.36
N GLU E 57 -23.99 -37.64 -18.59
CA GLU E 57 -22.54 -37.60 -18.92
C GLU E 57 -21.93 -36.26 -18.44
N PRO E 58 -20.93 -36.31 -17.54
CA PRO E 58 -20.24 -35.10 -17.07
C PRO E 58 -19.00 -34.74 -17.91
N THR E 59 -18.72 -33.44 -17.99
CA THR E 59 -17.48 -32.92 -18.57
C THR E 59 -16.85 -31.96 -17.56
N TYR E 60 -15.61 -32.23 -17.14
CA TYR E 60 -14.95 -31.43 -16.12
C TYR E 60 -13.84 -30.57 -16.75
N ALA E 61 -13.67 -29.36 -16.23
CA ALA E 61 -12.53 -28.55 -16.64
C ALA E 61 -11.27 -29.04 -15.92
N ALA E 62 -10.11 -28.70 -16.50
CA ALA E 62 -8.82 -28.78 -15.84
C ALA E 62 -8.69 -30.11 -15.07
N ASP E 63 -8.47 -30.02 -13.75
CA ASP E 63 -8.18 -31.20 -12.95
C ASP E 63 -9.33 -31.56 -12.00
N PHE E 64 -10.49 -30.94 -12.18
CA PHE E 64 -11.59 -31.10 -11.23
C PHE E 64 -12.07 -32.56 -11.18
N LYS E 65 -11.85 -33.34 -12.23
CA LYS E 65 -12.38 -34.71 -12.23
C LYS E 65 -11.71 -35.55 -11.13
N ARG E 66 -10.45 -35.25 -10.80
CA ARG E 66 -9.76 -35.94 -9.73
C ARG E 66 -10.59 -35.92 -8.44
N ARG E 67 -11.25 -34.80 -8.13
CA ARG E 67 -11.81 -34.57 -6.81
C ARG E 67 -13.32 -34.30 -6.81
N PHE E 68 -13.87 -33.85 -7.95
CA PHE E 68 -15.28 -33.44 -8.00
C PHE E 68 -16.08 -34.43 -8.85
N THR E 69 -17.34 -34.65 -8.47
CA THR E 69 -18.25 -35.52 -9.23
C THR E 69 -19.59 -34.82 -9.42
N PHE E 70 -20.03 -34.71 -10.68
CA PHE E 70 -21.39 -34.24 -10.98
C PHE E 70 -22.33 -35.45 -11.02
N SER E 71 -23.54 -35.28 -10.51
CA SER E 71 -24.55 -36.34 -10.56
C SER E 71 -25.94 -35.71 -10.65
N LEU E 72 -26.97 -36.55 -10.81
CA LEU E 72 -28.33 -36.08 -11.04
C LEU E 72 -29.32 -36.90 -10.21
N ASP E 73 -30.42 -36.26 -9.84
CA ASP E 73 -31.63 -36.98 -9.48
C ASP E 73 -32.80 -36.39 -10.25
N THR E 74 -33.15 -37.01 -11.37
CA THR E 74 -34.14 -36.41 -12.26
C THR E 74 -35.54 -36.46 -11.62
N SER E 75 -35.77 -37.40 -10.70
CA SER E 75 -37.07 -37.49 -10.03
C SER E 75 -37.29 -36.30 -9.09
N LYS E 76 -36.21 -35.55 -8.81
CA LYS E 76 -36.25 -34.36 -7.95
C LYS E 76 -35.84 -33.11 -8.74
N SER E 77 -35.63 -33.25 -10.05
CA SER E 77 -35.12 -32.14 -10.89
C SER E 77 -33.93 -31.46 -10.22
N THR E 78 -32.96 -32.26 -9.75
CA THR E 78 -31.83 -31.73 -8.98
C THR E 78 -30.51 -32.24 -9.55
N ALA E 79 -29.54 -31.33 -9.64
CA ALA E 79 -28.16 -31.67 -10.00
C ALA E 79 -27.27 -31.54 -8.75
N TYR E 80 -26.25 -32.40 -8.64
CA TYR E 80 -25.37 -32.35 -7.48
C TYR E 80 -23.91 -32.12 -7.91
N LEU E 81 -23.17 -31.44 -7.04
CA LEU E 81 -21.72 -31.34 -7.14
C LEU E 81 -21.13 -31.88 -5.84
N GLN E 82 -20.57 -33.10 -5.91
CA GLN E 82 -19.90 -33.70 -4.76
C GLN E 82 -18.42 -33.32 -4.83
N MET E 83 -17.90 -32.75 -3.74
CA MET E 83 -16.51 -32.32 -3.73
C MET E 83 -15.77 -33.07 -2.63
N ASN E 84 -14.63 -33.66 -2.99
CA ASN E 84 -13.83 -34.47 -2.06
C ASN E 84 -12.42 -33.89 -1.96
N SER E 85 -11.72 -34.23 -0.88
CA SER E 85 -10.34 -33.78 -0.65
C SER E 85 -10.24 -32.27 -0.87
N LEU E 86 -11.12 -31.53 -0.20
CA LEU E 86 -11.21 -30.10 -0.40
C LEU E 86 -9.94 -29.41 0.10
N ARG E 87 -9.52 -28.38 -0.63
CA ARG E 87 -8.34 -27.59 -0.31
C ARG E 87 -8.78 -26.16 0.01
N ALA E 88 -7.89 -25.37 0.62
CA ALA E 88 -8.18 -23.97 0.93
C ALA E 88 -8.56 -23.21 -0.35
N GLU E 89 -7.91 -23.56 -1.47
CA GLU E 89 -8.07 -22.84 -2.74
C GLU E 89 -9.43 -23.14 -3.38
N ASP E 90 -10.22 -24.01 -2.74
CA ASP E 90 -11.57 -24.35 -3.21
C ASP E 90 -12.62 -23.44 -2.57
N THR E 91 -12.19 -22.62 -1.61
CA THR E 91 -13.05 -21.60 -1.03
C THR E 91 -13.56 -20.67 -2.14
N ALA E 92 -14.89 -20.57 -2.25
CA ALA E 92 -15.52 -19.90 -3.37
C ALA E 92 -17.05 -19.93 -3.21
N VAL E 93 -17.73 -19.01 -3.87
CA VAL E 93 -19.16 -19.14 -4.05
C VAL E 93 -19.38 -20.06 -5.27
N TYR E 94 -20.20 -21.10 -5.13
CA TYR E 94 -20.47 -22.03 -6.22
C TYR E 94 -21.84 -21.75 -6.80
N TYR E 95 -21.90 -21.56 -8.13
CA TYR E 95 -23.17 -21.35 -8.82
C TYR E 95 -23.46 -22.53 -9.75
N CYS E 96 -24.74 -22.84 -9.92
CA CYS E 96 -25.15 -23.62 -11.07
C CYS E 96 -25.80 -22.68 -12.09
N ALA E 97 -25.76 -23.03 -13.37
CA ALA E 97 -26.36 -22.15 -14.38
C ALA E 97 -26.79 -22.96 -15.62
N LYS E 98 -27.81 -22.46 -16.32
CA LYS E 98 -28.37 -23.15 -17.48
C LYS E 98 -28.40 -22.21 -18.69
N TYR E 99 -28.38 -22.82 -19.86
CA TYR E 99 -28.53 -22.15 -21.15
C TYR E 99 -29.95 -21.58 -21.27
N PRO E 100 -30.15 -20.67 -22.25
CA PRO E 100 -31.45 -20.07 -22.50
C PRO E 100 -32.47 -21.08 -23.04
N HIS E 101 -33.76 -20.72 -22.94
CA HIS E 101 -34.81 -21.59 -23.41
C HIS E 101 -34.53 -22.10 -24.84
N TYR E 102 -34.19 -21.18 -25.75
CA TYR E 102 -33.66 -21.56 -27.07
C TYR E 102 -32.15 -21.35 -27.09
N TYR E 103 -31.42 -22.45 -27.28
CA TYR E 103 -29.97 -22.42 -27.32
C TYR E 103 -29.45 -22.96 -28.67
N GLY E 104 -30.34 -23.24 -29.61
CA GLY E 104 -29.91 -23.83 -30.90
C GLY E 104 -29.04 -22.86 -31.70
N SER E 105 -28.35 -23.41 -32.70
CA SER E 105 -27.51 -22.64 -33.62
C SER E 105 -26.53 -21.77 -32.84
N SER E 106 -25.94 -22.36 -31.78
CA SER E 106 -24.82 -21.81 -31.04
C SER E 106 -25.21 -20.61 -30.16
N HIS E 107 -26.49 -20.53 -29.78
CA HIS E 107 -26.94 -19.52 -28.84
C HIS E 107 -26.67 -20.01 -27.41
N TRP E 108 -25.37 -20.06 -27.06
CA TRP E 108 -24.96 -20.71 -25.82
C TRP E 108 -24.44 -19.64 -24.86
N TYR E 109 -25.09 -19.50 -23.70
CA TYR E 109 -24.68 -18.53 -22.69
C TYR E 109 -25.36 -18.93 -21.38
N PHE E 110 -24.84 -18.43 -20.26
CA PHE E 110 -25.42 -18.73 -18.96
C PHE E 110 -26.58 -17.76 -18.73
N ASP E 111 -27.79 -18.24 -18.97
CA ASP E 111 -28.98 -17.40 -19.00
C ASP E 111 -29.56 -17.24 -17.60
N VAL E 112 -29.75 -18.36 -16.89
CA VAL E 112 -30.27 -18.30 -15.53
C VAL E 112 -29.25 -18.96 -14.60
N TRP E 113 -29.00 -18.27 -13.49
CA TRP E 113 -28.03 -18.67 -12.48
C TRP E 113 -28.75 -18.97 -11.16
N GLY E 114 -28.24 -19.92 -10.38
CA GLY E 114 -28.63 -20.02 -8.97
C GLY E 114 -28.18 -18.79 -8.18
N GLN E 115 -28.58 -18.73 -6.91
CA GLN E 115 -28.22 -17.58 -6.06
C GLN E 115 -26.78 -17.71 -5.55
N GLY E 116 -26.21 -18.90 -5.67
CA GLY E 116 -24.87 -19.17 -5.15
C GLY E 116 -24.91 -19.75 -3.75
N THR E 117 -23.90 -20.57 -3.43
CA THR E 117 -23.73 -21.09 -2.07
C THR E 117 -22.23 -21.04 -1.74
N LEU E 118 -21.91 -20.54 -0.55
CA LEU E 118 -20.51 -20.30 -0.23
C LEU E 118 -19.91 -21.54 0.43
N VAL E 119 -18.76 -21.96 -0.10
CA VAL E 119 -17.98 -23.05 0.48
C VAL E 119 -16.71 -22.42 1.07
N THR E 120 -16.50 -22.62 2.36
CA THR E 120 -15.26 -22.18 3.02
C THR E 120 -14.51 -23.40 3.53
N VAL E 121 -13.28 -23.57 3.06
CA VAL E 121 -12.44 -24.68 3.49
C VAL E 121 -11.33 -24.12 4.39
N SER E 122 -11.44 -24.41 5.68
CA SER E 122 -10.51 -23.84 6.64
C SER E 122 -10.31 -24.80 7.83
N SER E 123 -9.13 -24.74 8.43
CA SER E 123 -8.86 -25.50 9.64
C SER E 123 -9.39 -24.75 10.87
N ALA E 124 -9.80 -23.50 10.66
CA ALA E 124 -10.28 -22.65 11.74
C ALA E 124 -11.71 -23.04 12.13
N SER E 125 -11.98 -22.93 13.43
CA SER E 125 -13.25 -23.35 14.02
C SER E 125 -14.29 -22.24 13.83
N THR E 126 -15.55 -22.66 13.71
CA THR E 126 -16.70 -21.74 13.70
C THR E 126 -16.71 -20.93 14.99
N LYS E 127 -17.03 -19.64 14.87
CA LYS E 127 -17.21 -18.76 16.04
C LYS E 127 -18.27 -17.70 15.73
N GLY E 128 -19.23 -17.57 16.63
CA GLY E 128 -20.25 -16.53 16.52
C GLY E 128 -19.71 -15.18 16.94
N PRO E 129 -20.25 -14.08 16.39
CA PRO E 129 -19.78 -12.73 16.71
C PRO E 129 -20.30 -12.21 18.05
N SER E 130 -19.55 -11.29 18.65
CA SER E 130 -20.08 -10.40 19.68
C SER E 130 -20.66 -9.18 18.98
N VAL E 131 -21.76 -8.65 19.52
CA VAL E 131 -22.45 -7.51 18.91
C VAL E 131 -22.45 -6.36 19.90
N PHE E 132 -21.75 -5.28 19.54
CA PHE E 132 -21.64 -4.14 20.44
C PHE E 132 -22.34 -2.91 19.83
N PRO E 133 -22.97 -2.08 20.67
CA PRO E 133 -23.61 -0.88 20.16
C PRO E 133 -22.59 0.22 19.81
N LEU E 134 -22.83 0.92 18.71
CA LEU E 134 -22.13 2.16 18.42
C LEU E 134 -23.10 3.32 18.70
N ALA E 135 -22.94 3.93 19.87
CA ALA E 135 -23.95 4.83 20.43
C ALA E 135 -23.82 6.23 19.81
N PRO E 136 -24.97 6.88 19.52
CA PRO E 136 -25.02 8.18 18.83
C PRO E 136 -24.30 9.33 19.54
N GLY E 144 -28.57 18.21 12.78
CA GLY E 144 -29.73 17.49 13.30
C GLY E 144 -29.71 16.01 12.91
N THR E 145 -28.52 15.54 12.52
CA THR E 145 -28.31 14.16 12.05
C THR E 145 -27.37 13.43 13.00
N ALA E 146 -27.86 12.33 13.60
CA ALA E 146 -27.02 11.47 14.43
C ALA E 146 -26.71 10.18 13.68
N ALA E 147 -25.50 9.64 13.86
CA ALA E 147 -25.19 8.31 13.35
C ALA E 147 -25.17 7.31 14.51
N LEU E 148 -25.63 6.09 14.26
CA LEU E 148 -25.51 5.02 15.24
C LEU E 148 -25.23 3.71 14.51
N GLY E 149 -24.90 2.66 15.24
CA GLY E 149 -24.58 1.41 14.58
C GLY E 149 -24.39 0.25 15.52
N CYS E 150 -23.93 -0.85 14.93
CA CYS E 150 -23.55 -2.05 15.67
C CYS E 150 -22.20 -2.53 15.14
N LEU E 151 -21.32 -2.88 16.07
CA LEU E 151 -20.04 -3.48 15.76
C LEU E 151 -20.18 -5.01 15.90
N VAL E 152 -19.89 -5.73 14.81
CA VAL E 152 -20.04 -7.17 14.77
C VAL E 152 -18.65 -7.80 14.74
N LYS E 153 -18.20 -8.27 15.91
CA LYS E 153 -16.77 -8.49 16.12
C LYS E 153 -16.46 -9.97 16.32
N ASP E 154 -15.38 -10.43 15.70
CA ASP E 154 -14.70 -11.70 16.02
C ASP E 154 -15.53 -12.93 15.67
N TYR E 155 -15.78 -13.12 14.37
CA TYR E 155 -16.59 -14.24 13.90
C TYR E 155 -15.87 -14.96 12.76
N PHE E 156 -16.26 -16.22 12.57
CA PHE E 156 -15.75 -17.06 11.50
C PHE E 156 -16.75 -18.20 11.27
N PRO E 157 -17.03 -18.58 10.01
CA PRO E 157 -16.53 -17.89 8.80
C PRO E 157 -17.55 -16.84 8.34
N GLU E 158 -17.41 -16.36 7.11
CA GLU E 158 -18.45 -15.57 6.46
C GLU E 158 -19.64 -16.48 6.14
N PRO E 159 -20.86 -15.93 6.00
CA PRO E 159 -21.11 -14.50 6.07
C PRO E 159 -21.99 -14.09 7.26
N VAL E 160 -22.13 -12.78 7.46
CA VAL E 160 -23.04 -12.22 8.44
C VAL E 160 -24.03 -11.32 7.70
N THR E 161 -25.28 -11.29 8.15
CA THR E 161 -26.26 -10.33 7.64
C THR E 161 -26.76 -9.44 8.77
N VAL E 162 -26.98 -8.16 8.43
CA VAL E 162 -27.47 -7.21 9.40
C VAL E 162 -28.67 -6.50 8.78
N SER E 163 -29.72 -6.37 9.59
CA SER E 163 -30.88 -5.56 9.26
C SER E 163 -31.12 -4.58 10.41
N TRP E 164 -31.90 -3.53 10.15
CA TRP E 164 -32.31 -2.60 11.20
C TRP E 164 -33.83 -2.62 11.35
N ASN E 165 -34.29 -2.80 12.60
CA ASN E 165 -35.72 -2.77 12.95
C ASN E 165 -36.47 -3.81 12.11
N SER E 166 -35.85 -4.98 11.94
CA SER E 166 -36.41 -6.12 11.18
C SER E 166 -36.69 -5.75 9.72
N GLY E 167 -35.91 -4.80 9.18
CA GLY E 167 -35.97 -4.47 7.76
C GLY E 167 -36.77 -3.22 7.48
N ALA E 168 -37.43 -2.67 8.51
CA ALA E 168 -38.31 -1.51 8.38
C ALA E 168 -37.50 -0.23 8.21
N LEU E 169 -36.22 -0.26 8.61
CA LEU E 169 -35.31 0.89 8.43
C LEU E 169 -34.24 0.53 7.41
N THR E 170 -34.28 1.20 6.26
CA THR E 170 -33.40 0.90 5.14
C THR E 170 -32.64 2.15 4.71
N SER E 171 -33.30 3.31 4.78
CA SER E 171 -32.69 4.54 4.30
C SER E 171 -31.50 4.88 5.20
N GLY E 172 -30.36 5.14 4.57
CA GLY E 172 -29.17 5.61 5.25
C GLY E 172 -28.36 4.48 5.88
N VAL E 173 -28.75 3.23 5.67
CA VAL E 173 -28.04 2.10 6.26
C VAL E 173 -26.81 1.79 5.42
N HIS E 174 -25.65 1.68 6.08
CA HIS E 174 -24.43 1.18 5.45
C HIS E 174 -23.87 0.02 6.26
N THR E 175 -23.79 -1.16 5.64
CA THR E 175 -23.14 -2.30 6.27
C THR E 175 -21.81 -2.55 5.55
N PHE E 176 -20.71 -2.41 6.29
CA PHE E 176 -19.38 -2.48 5.69
C PHE E 176 -18.98 -3.93 5.41
N PRO E 177 -18.18 -4.14 4.34
CA PRO E 177 -17.52 -5.42 4.10
C PRO E 177 -16.65 -5.78 5.31
N ALA E 178 -16.65 -7.06 5.68
CA ALA E 178 -15.85 -7.51 6.81
C ALA E 178 -14.36 -7.35 6.51
N VAL E 179 -13.59 -7.10 7.57
CA VAL E 179 -12.15 -7.10 7.50
C VAL E 179 -11.64 -8.32 8.29
N LEU E 180 -10.61 -8.95 7.75
CA LEU E 180 -9.95 -10.07 8.42
C LEU E 180 -8.90 -9.51 9.37
N GLN E 181 -9.02 -9.84 10.66
CA GLN E 181 -8.09 -9.36 11.68
C GLN E 181 -6.86 -10.28 11.72
N SER E 182 -5.82 -9.84 12.44
CA SER E 182 -4.62 -10.64 12.63
C SER E 182 -4.99 -12.02 13.17
N SER E 183 -5.97 -12.04 14.08
CA SER E 183 -6.41 -13.25 14.78
C SER E 183 -6.89 -14.32 13.80
N GLY E 184 -7.24 -13.92 12.58
CA GLY E 184 -7.90 -14.81 11.62
C GLY E 184 -9.42 -14.77 11.74
N LEU E 185 -9.92 -13.83 12.55
CA LEU E 185 -11.36 -13.61 12.71
C LEU E 185 -11.80 -12.37 11.93
N TYR E 186 -13.06 -12.36 11.50
CA TYR E 186 -13.65 -11.23 10.78
C TYR E 186 -14.40 -10.31 11.74
N SER E 187 -14.47 -9.04 11.36
CA SER E 187 -15.23 -8.04 12.09
C SER E 187 -15.83 -7.06 11.06
N LEU E 188 -17.03 -6.55 11.35
CA LEU E 188 -17.66 -5.52 10.52
C LEU E 188 -18.48 -4.57 11.39
N SER E 189 -18.88 -3.43 10.82
CA SER E 189 -19.84 -2.52 11.44
C SER E 189 -21.02 -2.32 10.49
N SER E 190 -22.19 -2.07 11.07
CA SER E 190 -23.33 -1.58 10.32
C SER E 190 -23.77 -0.26 10.93
N VAL E 191 -23.98 0.76 10.10
CA VAL E 191 -24.32 2.07 10.62
C VAL E 191 -25.57 2.60 9.91
N VAL E 192 -26.19 3.58 10.56
CA VAL E 192 -27.35 4.27 10.02
C VAL E 192 -27.37 5.71 10.56
N THR E 193 -27.92 6.62 9.75
CA THR E 193 -28.07 8.01 10.17
C THR E 193 -29.56 8.31 10.37
N VAL E 194 -29.84 9.08 11.43
CA VAL E 194 -31.20 9.38 11.88
C VAL E 194 -31.23 10.84 12.34
N PRO E 195 -32.43 11.43 12.53
CA PRO E 195 -32.48 12.77 13.15
C PRO E 195 -32.13 12.67 14.64
N SER E 196 -31.34 13.62 15.13
CA SER E 196 -30.95 13.63 16.54
C SER E 196 -32.18 13.76 17.46
N SER E 197 -33.28 14.28 16.90
CA SER E 197 -34.54 14.47 17.61
C SER E 197 -35.15 13.12 18.00
N SER E 198 -34.91 12.09 17.19
CA SER E 198 -35.57 10.79 17.34
C SER E 198 -34.88 9.93 18.42
N LEU E 199 -33.75 10.42 18.94
CA LEU E 199 -33.04 9.73 20.01
C LEU E 199 -33.84 9.89 21.29
N GLY E 200 -34.38 8.78 21.80
CA GLY E 200 -35.31 8.81 22.92
C GLY E 200 -36.75 8.60 22.45
N THR E 201 -36.98 8.82 21.16
CA THR E 201 -38.29 8.62 20.54
C THR E 201 -38.37 7.19 20.01
N GLN E 202 -37.66 6.94 18.90
CA GLN E 202 -37.73 5.68 18.20
C GLN E 202 -36.69 4.73 18.79
N THR E 203 -37.09 3.48 19.05
CA THR E 203 -36.13 2.45 19.38
C THR E 203 -35.43 2.01 18.09
N TYR E 204 -34.11 1.80 18.19
CA TYR E 204 -33.32 1.31 17.07
C TYR E 204 -32.66 -0.02 17.48
N ILE E 205 -32.95 -1.06 16.71
CA ILE E 205 -32.44 -2.40 16.96
C ILE E 205 -31.75 -2.89 15.69
N CYS E 206 -30.51 -3.35 15.85
CA CYS E 206 -29.83 -4.02 14.75
C CYS E 206 -29.97 -5.53 14.94
N ASN E 207 -30.33 -6.21 13.86
CA ASN E 207 -30.55 -7.65 13.88
C ASN E 207 -29.40 -8.33 13.14
N VAL E 208 -28.63 -9.13 13.88
CA VAL E 208 -27.46 -9.77 13.31
C VAL E 208 -27.74 -11.27 13.21
N ASN E 209 -27.46 -11.83 12.03
CA ASN E 209 -27.61 -13.24 11.75
C ASN E 209 -26.27 -13.80 11.28
N HIS E 210 -25.74 -14.78 12.01
CA HIS E 210 -24.56 -15.53 11.57
C HIS E 210 -24.94 -17.01 11.48
N LYS E 211 -25.53 -17.37 10.34
CA LYS E 211 -26.07 -18.71 10.11
C LYS E 211 -25.05 -19.79 10.49
N PRO E 212 -23.77 -19.68 10.05
CA PRO E 212 -22.80 -20.74 10.31
C PRO E 212 -22.67 -21.21 11.77
N SER E 213 -22.90 -20.31 12.73
CA SER E 213 -22.79 -20.64 14.15
C SER E 213 -24.18 -20.69 14.79
N ASN E 214 -25.23 -20.52 13.97
CA ASN E 214 -26.62 -20.41 14.41
C ASN E 214 -26.76 -19.30 15.46
N THR E 215 -26.07 -18.18 15.25
CA THR E 215 -26.15 -17.05 16.16
C THR E 215 -27.12 -16.00 15.61
N LYS E 216 -28.14 -15.69 16.41
CA LYS E 216 -29.06 -14.60 16.15
C LYS E 216 -29.02 -13.66 17.34
N VAL E 217 -28.77 -12.37 17.09
CA VAL E 217 -28.66 -11.38 18.15
C VAL E 217 -29.43 -10.13 17.72
N ASP E 218 -30.32 -9.66 18.59
CA ASP E 218 -30.96 -8.35 18.45
C ASP E 218 -30.32 -7.41 19.48
N LYS E 219 -30.00 -6.20 19.05
CA LYS E 219 -29.29 -5.28 19.94
C LYS E 219 -29.94 -3.89 19.87
N LYS E 220 -30.46 -3.42 21.01
CA LYS E 220 -30.95 -2.05 21.14
C LYS E 220 -29.76 -1.10 21.22
N VAL E 221 -29.72 -0.14 20.32
CA VAL E 221 -28.66 0.88 20.30
C VAL E 221 -29.23 2.15 20.92
N GLU E 222 -28.82 2.42 22.16
CA GLU E 222 -29.39 3.53 22.95
C GLU E 222 -28.40 4.68 23.03
N PRO E 223 -28.90 5.91 23.13
CA PRO E 223 -28.03 7.07 23.24
C PRO E 223 -27.63 7.23 24.71
#